data_6L1Q
#
_entry.id   6L1Q
#
_cell.length_a   167.753
_cell.length_b   167.753
_cell.length_c   48.291
_cell.angle_alpha   90.000
_cell.angle_beta   90.000
_cell.angle_gamma   120.000
#
_symmetry.space_group_name_H-M   'P 6'
#
loop_
_entity.id
_entity.type
_entity.pdbx_description
1 polymer 'CbbQ protein'
2 non-polymer "ADENOSINE-5'-DIPHOSPHATE"
3 non-polymer 'PHOSPHATE ION'
4 water water
#
_entity_poly.entity_id   1
_entity_poly.type   'polypeptide(L)'
_entity_poly.pdbx_seq_one_letter_code
;MHHHHHHSGAFEFKLPDIGEGIHEGEIVKWFVKPGDEVNEDDVLCEVQNDKAVVEIPSPVKGKVLEILVPEGTVATVGQT
LITLDAPGYENMTASSSGSENLYFQGSHMTATDSSILNQYLVGKEPFYQPQHDEVALFEAAYRKRLPVMVKGPTGCGKSR
FVEFMAWRLGKPLVTVACNEDMTAADLVGRWLLDKDGTRWQDGPLTVAARYGAICYLDEIVEARQDTTVVIHPLTDHRRT
LPLDKKGELIRAHPDFQLVISYNPGYQSLMKDLKQSTKQRFTGFEFDYPNAELEAGILVQETGVAPSIAAQLVTVAATAR
RLKGHGLDEGISTRLLVYAAMLMDDGVAPRAACRMALVQPITDDADIRATLEHAIDMTFA
;
_entity_poly.pdbx_strand_id   C,A,B
#
# COMPACT_ATOMS: atom_id res chain seq x y z
N SER A 114 -2.93 5.48 39.98
CA SER A 114 -2.57 5.18 38.61
C SER A 114 -1.34 5.96 38.21
N SER A 115 -0.83 5.68 37.01
CA SER A 115 0.35 6.34 36.49
C SER A 115 0.12 7.80 36.28
N ILE A 116 1.09 8.60 36.64
CA ILE A 116 0.95 10.01 36.49
C ILE A 116 0.82 10.45 35.03
N LEU A 117 1.05 9.54 34.11
CA LEU A 117 1.01 9.82 32.68
C LEU A 117 -0.34 9.50 32.04
N ASN A 118 -1.18 8.79 32.76
CA ASN A 118 -2.47 8.35 32.22
C ASN A 118 -3.37 9.52 31.85
N GLN A 119 -3.20 10.64 32.55
CA GLN A 119 -3.97 11.85 32.29
C GLN A 119 -3.46 12.54 31.02
N TYR A 120 -2.29 12.14 30.55
CA TYR A 120 -1.69 12.72 29.35
C TYR A 120 -1.89 11.82 28.14
N LEU A 121 -2.58 10.71 28.35
CA LEU A 121 -2.91 9.81 27.24
C LEU A 121 -3.94 10.45 26.34
N VAL A 122 -3.82 10.25 25.05
CA VAL A 122 -4.81 10.75 24.13
C VAL A 122 -5.75 9.59 24.08
N GLY A 123 -6.98 9.78 24.54
CA GLY A 123 -7.91 8.68 24.55
C GLY A 123 -8.60 8.32 23.27
N LYS A 124 -9.39 9.23 22.74
CA LYS A 124 -10.12 9.04 21.50
C LYS A 124 -9.28 9.55 20.35
N GLU A 125 -9.31 8.84 19.23
CA GLU A 125 -8.52 9.24 18.05
C GLU A 125 -8.86 10.64 17.55
N PRO A 126 -7.88 11.55 17.59
CA PRO A 126 -8.08 12.91 17.09
C PRO A 126 -8.11 12.90 15.56
N PHE A 127 -9.03 13.65 14.98
CA PHE A 127 -9.09 13.73 13.53
C PHE A 127 -7.94 14.56 13.00
N TYR A 128 -7.07 13.96 12.19
CA TYR A 128 -6.03 14.71 11.52
C TYR A 128 -6.00 14.37 10.04
N GLN A 129 -5.99 15.38 9.19
CA GLN A 129 -5.87 15.16 7.76
C GLN A 129 -4.45 15.42 7.30
N PRO A 130 -3.71 14.36 6.97
CA PRO A 130 -2.34 14.54 6.47
C PRO A 130 -2.30 15.29 5.13
N GLN A 131 -1.29 16.15 4.97
CA GLN A 131 -1.09 16.86 3.72
C GLN A 131 -0.11 16.13 2.82
N HIS A 132 0.97 15.62 3.42
CA HIS A 132 1.96 14.84 2.68
C HIS A 132 2.41 13.74 3.64
N ASP A 133 3.60 13.18 3.42
CA ASP A 133 4.07 12.10 4.27
C ASP A 133 4.66 12.39 5.65
N GLU A 134 3.93 13.13 6.48
CA GLU A 134 4.48 13.52 7.77
C GLU A 134 4.26 12.47 8.86
N VAL A 135 3.23 11.64 8.69
CA VAL A 135 2.95 10.57 9.64
C VAL A 135 4.09 9.53 9.68
N ALA A 136 4.35 8.91 8.53
CA ALA A 136 5.39 7.89 8.42
C ALA A 136 6.77 8.44 8.76
N LEU A 137 7.02 9.69 8.39
CA LEU A 137 8.32 10.31 8.64
C LEU A 137 8.50 10.62 10.12
N PHE A 138 7.42 10.95 10.81
CA PHE A 138 7.48 11.15 12.25
C PHE A 138 7.73 9.81 12.92
N GLU A 139 7.12 8.75 12.41
CA GLU A 139 7.36 7.40 12.93
C GLU A 139 8.82 6.98 12.75
N ALA A 140 9.41 7.38 11.62
CA ALA A 140 10.82 7.10 11.38
C ALA A 140 11.71 7.88 12.35
N ALA A 141 11.40 9.16 12.53
CA ALA A 141 12.15 9.96 13.50
C ALA A 141 12.07 9.34 14.89
N TYR A 142 10.88 8.89 15.25
CA TYR A 142 10.67 8.30 16.57
C TYR A 142 11.44 6.99 16.75
N ARG A 143 11.43 6.14 15.72
CA ARG A 143 12.15 4.86 15.81
C ARG A 143 13.63 5.10 16.01
N LYS A 144 14.12 6.26 15.57
CA LYS A 144 15.51 6.63 15.76
C LYS A 144 15.68 7.57 16.96
N ARG A 145 14.58 7.86 17.63
CA ARG A 145 14.57 8.75 18.80
C ARG A 145 15.16 10.13 18.49
N LEU A 146 14.93 10.62 17.28
CA LEU A 146 15.41 11.94 16.89
C LEU A 146 14.39 13.00 17.26
N PRO A 147 14.85 14.11 17.85
CA PRO A 147 13.96 15.22 18.19
C PRO A 147 13.26 15.78 16.96
N VAL A 148 12.00 16.20 17.10
CA VAL A 148 11.24 16.67 15.94
C VAL A 148 10.79 18.12 16.11
N MET A 149 10.92 18.91 15.05
CA MET A 149 10.53 20.31 15.04
C MET A 149 9.45 20.55 14.00
N VAL A 150 8.31 21.10 14.43
CA VAL A 150 7.25 21.43 13.50
C VAL A 150 7.11 22.95 13.34
N LYS A 151 7.29 23.38 12.09
CA LYS A 151 7.24 24.80 11.72
C LYS A 151 6.02 25.10 10.87
N GLY A 152 5.43 26.26 11.08
CA GLY A 152 4.29 26.68 10.28
C GLY A 152 3.56 27.84 10.89
N PRO A 153 2.67 28.47 10.11
CA PRO A 153 1.87 29.57 10.63
C PRO A 153 0.87 29.06 11.66
N THR A 154 0.24 29.98 12.38
CA THR A 154 -0.73 29.59 13.39
C THR A 154 -1.95 28.94 12.75
N GLY A 155 -2.49 27.91 13.40
CA GLY A 155 -3.72 27.28 12.99
C GLY A 155 -3.65 26.43 11.73
N CYS A 156 -2.50 25.79 11.50
CA CYS A 156 -2.38 24.88 10.36
C CYS A 156 -2.25 23.41 10.79
N GLY A 157 -2.60 23.12 12.05
CA GLY A 157 -2.72 21.75 12.52
C GLY A 157 -1.45 21.10 13.05
N LYS A 158 -0.51 21.91 13.51
CA LYS A 158 0.75 21.37 14.03
C LYS A 158 0.53 20.57 15.31
N SER A 159 -0.18 21.18 16.26
CA SER A 159 -0.46 20.52 17.53
C SER A 159 -1.36 19.30 17.34
N ARG A 160 -2.31 19.39 16.41
CA ARG A 160 -3.18 18.23 16.17
C ARG A 160 -2.44 17.11 15.46
N PHE A 161 -1.43 17.46 14.67
CA PHE A 161 -0.55 16.46 14.08
C PHE A 161 0.21 15.73 15.17
N VAL A 162 0.90 16.49 16.02
CA VAL A 162 1.64 15.91 17.12
C VAL A 162 0.75 15.00 17.98
N GLU A 163 -0.46 15.48 18.24
CA GLU A 163 -1.44 14.76 19.05
C GLU A 163 -1.91 13.46 18.37
N PHE A 164 -2.08 13.51 17.06
CA PHE A 164 -2.41 12.31 16.31
C PHE A 164 -1.29 11.30 16.36
N MET A 165 -0.05 11.77 16.25
CA MET A 165 1.08 10.86 16.33
C MET A 165 1.18 10.22 17.71
N ALA A 166 0.92 11.01 18.75
CA ALA A 166 0.90 10.47 20.11
C ALA A 166 -0.18 9.41 20.24
N TRP A 167 -1.33 9.62 19.59
CA TRP A 167 -2.37 8.59 19.58
C TRP A 167 -1.91 7.32 18.85
N ARG A 168 -1.34 7.48 17.65
CA ARG A 168 -0.98 6.34 16.82
C ARG A 168 0.16 5.52 17.40
N LEU A 169 1.07 6.20 18.09
CA LEU A 169 2.22 5.54 18.72
C LEU A 169 1.84 4.95 20.07
N GLY A 170 0.62 5.27 20.53
CA GLY A 170 0.17 4.83 21.83
C GLY A 170 1.00 5.42 22.97
N LYS A 171 1.45 6.65 22.79
CA LYS A 171 2.27 7.31 23.80
C LYS A 171 1.50 8.42 24.48
N PRO A 172 1.74 8.61 25.78
CA PRO A 172 1.16 9.78 26.46
C PRO A 172 1.77 11.06 25.91
N LEU A 173 0.98 12.14 25.90
CA LEU A 173 1.45 13.40 25.36
C LEU A 173 1.40 14.48 26.43
N VAL A 174 2.58 14.97 26.80
CA VAL A 174 2.71 16.04 27.76
C VAL A 174 3.01 17.34 27.03
N THR A 175 2.00 18.20 26.92
CA THR A 175 2.14 19.44 26.17
C THR A 175 2.41 20.63 27.08
N VAL A 176 3.38 21.45 26.70
CA VAL A 176 3.71 22.65 27.45
C VAL A 176 3.55 23.90 26.59
N ALA A 177 2.74 24.83 27.02
CA ALA A 177 2.56 26.03 26.24
C ALA A 177 3.63 27.02 26.66
N CYS A 178 4.38 27.47 25.69
CA CYS A 178 5.52 28.31 25.90
C CYS A 178 5.38 29.83 25.81
N ASN A 179 5.93 30.37 26.88
CA ASN A 179 6.10 31.72 27.34
C ASN A 179 7.24 32.65 26.87
N GLU A 180 7.11 33.92 27.21
CA GLU A 180 8.12 34.98 26.99
C GLU A 180 8.75 35.13 28.36
N ASP A 181 7.97 34.90 29.40
CA ASP A 181 8.36 34.86 30.81
C ASP A 181 8.68 33.44 31.26
N MET A 182 8.73 32.49 30.31
CA MET A 182 9.17 31.15 30.65
C MET A 182 10.66 31.15 30.93
N THR A 183 10.99 30.77 32.16
CA THR A 183 12.37 30.53 32.54
C THR A 183 12.65 29.05 32.35
N ALA A 184 13.91 28.67 32.54
CA ALA A 184 14.30 27.26 32.55
C ALA A 184 13.54 26.50 33.62
N ALA A 185 13.09 27.24 34.63
CA ALA A 185 12.49 26.68 35.84
C ALA A 185 11.12 26.03 35.61
N ASP A 186 10.33 26.61 34.71
CA ASP A 186 8.97 26.15 34.45
C ASP A 186 8.88 24.69 34.07
N LEU A 187 9.89 24.21 33.36
CA LEU A 187 9.86 22.91 32.71
C LEU A 187 10.19 21.74 33.63
N VAL A 188 11.19 21.91 34.49
CA VAL A 188 11.84 20.78 35.17
C VAL A 188 11.18 20.27 36.47
N GLY A 189 10.78 21.17 37.36
CA GLY A 189 10.17 20.76 38.63
C GLY A 189 10.64 21.57 39.82
N ARG A 190 10.15 21.24 41.01
CA ARG A 190 10.47 22.06 42.20
C ARG A 190 10.34 21.37 43.57
N TRP A 191 10.74 22.08 44.60
CA TRP A 191 10.64 21.60 45.98
C TRP A 191 9.42 22.24 46.61
N LEU A 192 8.55 21.39 47.11
CA LEU A 192 7.35 21.80 47.83
C LEU A 192 7.56 21.69 49.33
N LEU A 193 7.26 22.77 50.05
CA LEU A 193 7.37 22.84 51.50
C LEU A 193 6.06 22.43 52.04
N ASP A 194 6.02 21.26 52.62
CA ASP A 194 4.76 20.71 53.10
C ASP A 194 4.68 20.80 54.63
N LYS A 195 3.50 20.55 55.18
CA LYS A 195 3.34 20.46 56.63
C LYS A 195 4.12 19.26 57.13
N ASP A 196 4.22 18.26 56.26
CA ASP A 196 4.95 17.05 56.49
C ASP A 196 6.39 17.41 56.67
N GLY A 197 6.81 18.36 55.83
CA GLY A 197 8.15 18.92 55.75
C GLY A 197 9.14 18.41 54.70
N THR A 198 8.92 18.85 53.47
CA THR A 198 9.75 18.62 52.29
C THR A 198 9.58 17.44 51.35
N ARG A 199 8.99 17.73 50.22
CA ARG A 199 8.80 16.75 49.22
C ARG A 199 9.14 17.40 47.91
N TRP A 200 9.66 16.61 46.98
CA TRP A 200 9.98 17.09 45.63
C TRP A 200 8.89 16.70 44.64
N GLN A 201 8.59 17.59 43.69
CA GLN A 201 7.62 17.27 42.65
C GLN A 201 8.18 17.60 41.25
N ASP A 202 8.17 16.57 40.39
CA ASP A 202 8.69 16.71 39.03
C ASP A 202 7.84 17.65 38.18
N GLY A 203 8.48 18.34 37.24
CA GLY A 203 7.78 19.14 36.26
C GLY A 203 7.35 18.29 35.08
N PRO A 204 6.69 18.91 34.08
CA PRO A 204 6.17 18.18 32.91
C PRO A 204 7.27 17.47 32.11
N LEU A 205 8.26 18.26 31.69
CA LEU A 205 9.38 17.74 30.90
C LEU A 205 10.07 16.60 31.64
N THR A 206 10.26 16.77 32.95
CA THR A 206 10.91 15.75 33.77
C THR A 206 10.10 14.45 33.82
N VAL A 207 8.79 14.56 33.94
CA VAL A 207 7.93 13.37 33.96
C VAL A 207 8.03 12.63 32.63
N ALA A 208 7.93 13.39 31.54
CA ALA A 208 8.06 12.83 30.20
C ALA A 208 9.40 12.14 29.99
N ALA A 209 10.46 12.79 30.47
CA ALA A 209 11.82 12.28 30.33
C ALA A 209 12.05 11.05 31.20
N ARG A 210 11.35 10.98 32.32
CA ARG A 210 11.46 9.86 33.23
C ARG A 210 10.76 8.61 32.68
N TYR A 211 9.55 8.77 32.17
CA TYR A 211 8.77 7.58 31.82
C TYR A 211 8.39 7.46 30.34
N GLY A 212 9.26 7.97 29.47
CA GLY A 212 9.15 7.72 28.05
C GLY A 212 7.91 8.26 27.37
N ALA A 213 7.51 9.46 27.77
CA ALA A 213 6.37 10.12 27.14
C ALA A 213 6.87 11.09 26.08
N ILE A 214 5.96 11.53 25.20
CA ILE A 214 6.28 12.56 24.25
C ILE A 214 6.11 13.91 24.93
N CYS A 215 7.17 14.71 24.98
CA CYS A 215 7.04 16.07 25.48
C CYS A 215 6.99 17.06 24.34
N TYR A 216 5.92 17.84 24.32
CA TYR A 216 5.65 18.76 23.22
C TYR A 216 5.74 20.20 23.68
N LEU A 217 6.85 20.85 23.36
CA LEU A 217 7.02 22.26 23.67
C LEU A 217 6.38 23.09 22.56
N ASP A 218 5.16 23.56 22.84
CA ASP A 218 4.37 24.31 21.88
C ASP A 218 4.76 25.80 21.94
N GLU A 219 4.99 26.40 20.77
CA GLU A 219 5.52 27.77 20.67
C GLU A 219 6.82 27.94 21.43
N ILE A 220 7.79 27.07 21.17
CA ILE A 220 9.06 27.07 21.87
C ILE A 220 9.81 28.38 21.70
N VAL A 221 9.62 29.04 20.55
CA VAL A 221 10.40 30.21 20.19
C VAL A 221 9.88 31.45 20.90
N GLU A 222 8.75 31.30 21.59
CA GLU A 222 8.23 32.36 22.44
C GLU A 222 9.23 32.67 23.54
N ALA A 223 9.71 31.63 24.20
CA ALA A 223 10.67 31.78 25.30
C ALA A 223 11.96 32.47 24.85
N ARG A 224 12.63 33.13 25.79
CA ARG A 224 13.94 33.74 25.53
C ARG A 224 14.91 32.68 25.04
N GLN A 225 15.64 32.97 23.96
CA GLN A 225 16.35 31.95 23.16
C GLN A 225 17.20 30.95 23.97
N ASP A 226 18.08 31.49 24.81
CA ASP A 226 18.95 30.66 25.62
C ASP A 226 18.34 30.32 26.98
N THR A 227 17.05 30.58 27.15
CA THR A 227 16.27 29.90 28.19
C THR A 227 15.91 28.53 27.60
N THR A 228 15.90 28.45 26.27
CA THR A 228 15.51 27.24 25.55
C THR A 228 16.67 26.27 25.28
N VAL A 229 17.88 26.64 25.68
CA VAL A 229 19.02 25.72 25.56
C VAL A 229 19.01 24.66 26.67
N VAL A 230 17.95 24.68 27.48
CA VAL A 230 17.69 23.66 28.48
C VAL A 230 17.52 22.24 27.93
N ILE A 231 17.12 22.14 26.66
CA ILE A 231 16.77 20.88 26.07
C ILE A 231 17.94 20.21 25.35
N HIS A 232 19.09 20.89 25.34
CA HIS A 232 20.29 20.36 24.69
C HIS A 232 20.75 19.01 25.27
N PRO A 233 20.80 18.86 26.61
CA PRO A 233 21.23 17.56 27.14
C PRO A 233 20.28 16.43 26.77
N LEU A 234 19.02 16.76 26.56
CA LEU A 234 18.02 15.78 26.14
C LEU A 234 18.09 15.45 24.64
N THR A 235 19.10 15.97 23.95
CA THR A 235 19.27 15.70 22.53
C THR A 235 20.66 15.15 22.21
N ASP A 236 21.50 14.99 23.23
CA ASP A 236 22.81 14.36 23.05
C ASP A 236 22.61 12.88 22.74
N HIS A 237 23.68 12.20 22.30
CA HIS A 237 23.53 10.79 21.94
C HIS A 237 23.20 9.98 23.18
N ARG A 238 23.71 10.43 24.33
CA ARG A 238 23.24 9.92 25.61
C ARG A 238 22.41 10.99 26.29
N ARG A 239 21.11 10.77 26.36
CA ARG A 239 20.17 11.80 26.76
C ARG A 239 20.00 11.90 28.26
N THR A 240 20.35 13.06 28.81
CA THR A 240 20.24 13.29 30.24
C THR A 240 19.45 14.54 30.56
N LEU A 241 18.96 14.61 31.79
CA LEU A 241 18.23 15.78 32.29
C LEU A 241 18.75 16.15 33.68
N PRO A 242 19.50 17.26 33.75
CA PRO A 242 20.05 17.81 35.00
C PRO A 242 19.02 18.54 35.85
N LEU A 243 18.64 17.93 36.98
CA LEU A 243 17.87 18.62 37.99
C LEU A 243 18.84 19.11 39.06
N ASP A 244 19.51 20.22 38.78
CA ASP A 244 20.61 20.67 39.63
C ASP A 244 20.12 21.32 40.92
N LYS A 245 18.84 21.68 40.97
CA LYS A 245 18.25 22.20 42.20
C LYS A 245 17.84 21.06 43.12
N LYS A 246 17.66 19.88 42.54
CA LYS A 246 17.40 18.65 43.30
C LYS A 246 18.71 17.89 43.55
N GLY A 247 19.69 18.12 42.68
CA GLY A 247 20.94 17.41 42.76
C GLY A 247 20.88 16.04 42.09
N GLU A 248 20.00 15.90 41.10
CA GLU A 248 19.82 14.61 40.44
C GLU A 248 20.18 14.68 38.95
N LEU A 249 20.85 13.64 38.45
CA LEU A 249 21.13 13.52 37.03
C LEU A 249 20.29 12.41 36.41
N ILE A 250 19.23 12.77 35.70
CA ILE A 250 18.35 11.76 35.12
C ILE A 250 18.88 11.23 33.80
N ARG A 251 18.85 9.92 33.61
CA ARG A 251 19.10 9.36 32.29
C ARG A 251 17.74 9.18 31.61
N ALA A 252 17.56 9.85 30.48
CA ALA A 252 16.26 9.90 29.83
C ALA A 252 15.77 8.51 29.43
N HIS A 253 14.49 8.24 29.72
CA HIS A 253 13.85 6.99 29.35
C HIS A 253 14.04 6.73 27.87
N PRO A 254 14.40 5.48 27.51
CA PRO A 254 14.69 5.12 26.12
C PRO A 254 13.55 5.41 25.15
N ASP A 255 12.33 5.60 25.65
CA ASP A 255 11.19 5.83 24.78
C ASP A 255 10.76 7.29 24.75
N PHE A 256 11.48 8.13 25.52
CA PHE A 256 11.21 9.57 25.53
C PHE A 256 11.44 10.19 24.16
N GLN A 257 10.51 11.08 23.78
CA GLN A 257 10.53 11.73 22.47
C GLN A 257 10.28 13.22 22.64
N LEU A 258 11.20 14.04 22.11
CA LEU A 258 11.09 15.49 22.23
C LEU A 258 10.56 16.13 20.94
N VAL A 259 9.45 16.85 21.07
CA VAL A 259 8.88 17.57 19.93
C VAL A 259 8.70 19.05 20.27
N ILE A 260 9.11 19.93 19.37
CA ILE A 260 8.89 21.36 19.55
C ILE A 260 8.12 21.94 18.38
N SER A 261 7.46 23.06 18.61
CA SER A 261 6.69 23.72 17.57
C SER A 261 6.95 25.22 17.59
N TYR A 262 7.01 25.84 16.41
CA TYR A 262 7.07 27.31 16.40
C TYR A 262 6.67 27.95 15.07
N ASN A 263 6.20 29.19 15.16
CA ASN A 263 5.78 29.95 13.99
C ASN A 263 6.90 30.87 13.52
N PRO A 264 7.58 30.50 12.42
CA PRO A 264 8.69 31.29 11.88
C PRO A 264 8.22 32.66 11.38
N GLY A 265 9.01 33.70 11.66
CA GLY A 265 8.66 35.04 11.26
C GLY A 265 7.71 35.74 12.22
N TYR A 266 7.09 34.95 13.10
CA TYR A 266 6.14 35.49 14.07
C TYR A 266 6.86 35.95 15.33
N GLN A 267 8.17 35.77 15.35
CA GLN A 267 8.98 36.16 16.51
C GLN A 267 10.17 37.01 16.08
N SER A 268 10.81 37.63 17.05
CA SER A 268 12.01 38.44 16.82
C SER A 268 13.18 37.61 16.32
N LEU A 269 14.13 38.26 15.65
CA LEU A 269 15.35 37.59 15.22
C LEU A 269 16.23 37.29 16.43
N MET A 270 16.09 38.13 17.47
CA MET A 270 16.77 37.89 18.73
C MET A 270 16.03 36.84 19.55
N LYS A 271 14.71 36.79 19.35
CA LYS A 271 13.88 35.78 20.02
C LYS A 271 13.87 34.47 19.24
N ASP A 272 14.39 34.49 18.02
CA ASP A 272 14.45 33.31 17.15
C ASP A 272 15.26 32.19 17.78
N LEU A 273 15.01 30.96 17.34
CA LEU A 273 15.77 29.81 17.79
C LEU A 273 17.24 29.94 17.41
N LYS A 274 18.13 29.71 18.36
CA LYS A 274 19.56 29.74 18.10
C LYS A 274 19.93 28.59 17.15
N GLN A 275 20.99 28.78 16.35
CA GLN A 275 21.44 27.75 15.43
C GLN A 275 21.81 26.47 16.18
N SER A 276 22.40 26.66 17.35
CA SER A 276 22.80 25.54 18.20
C SER A 276 21.60 24.68 18.58
N THR A 277 20.44 25.31 18.75
CA THR A 277 19.21 24.60 19.07
C THR A 277 18.54 24.05 17.81
N LYS A 278 18.46 24.89 16.78
CA LYS A 278 17.89 24.48 15.50
C LYS A 278 18.54 23.20 14.96
N GLN A 279 19.86 23.15 15.01
CA GLN A 279 20.59 22.04 14.40
C GLN A 279 20.66 20.80 15.28
N ARG A 280 19.71 20.68 16.21
CA ARG A 280 19.58 19.50 17.04
C ARG A 280 18.30 18.75 16.74
N PHE A 281 17.55 19.24 15.76
CA PHE A 281 16.22 18.72 15.43
C PHE A 281 16.10 18.28 13.98
N THR A 282 15.21 17.33 13.72
CA THR A 282 14.74 17.09 12.37
C THR A 282 13.55 18.01 12.18
N GLY A 283 13.11 18.25 10.95
CA GLY A 283 12.09 19.26 10.75
C GLY A 283 11.02 19.01 9.70
N PHE A 284 9.79 19.40 10.04
CA PHE A 284 8.68 19.44 9.11
C PHE A 284 8.22 20.89 8.94
N GLU A 285 7.97 21.30 7.70
CA GLU A 285 7.38 22.61 7.47
C GLU A 285 5.93 22.47 7.03
N PHE A 286 5.02 22.92 7.89
CA PHE A 286 3.59 22.89 7.57
C PHE A 286 3.16 24.21 6.98
N ASP A 287 2.19 24.14 6.08
CA ASP A 287 1.52 25.32 5.56
C ASP A 287 0.04 24.99 5.53
N TYR A 288 -0.82 25.99 5.34
CA TYR A 288 -2.24 25.74 5.21
C TYR A 288 -2.48 24.84 4.00
N PRO A 289 -3.40 23.87 4.14
CA PRO A 289 -3.71 22.88 3.09
C PRO A 289 -4.18 23.54 1.80
N ASN A 290 -4.12 22.80 0.69
CA ASN A 290 -4.73 23.29 -0.56
C ASN A 290 -6.24 23.34 -0.40
N ALA A 291 -6.90 24.03 -1.31
CA ALA A 291 -8.34 24.32 -1.22
C ALA A 291 -9.21 23.11 -0.89
N GLU A 292 -9.01 22.01 -1.62
CA GLU A 292 -9.85 20.82 -1.47
C GLU A 292 -9.69 20.17 -0.10
N LEU A 293 -8.44 20.00 0.32
CA LEU A 293 -8.13 19.37 1.60
C LEU A 293 -8.67 20.20 2.76
N GLU A 294 -8.51 21.51 2.67
CA GLU A 294 -8.97 22.42 3.72
C GLU A 294 -10.49 22.43 3.81
N ALA A 295 -11.14 22.42 2.64
CA ALA A 295 -12.60 22.28 2.60
C ALA A 295 -13.02 20.97 3.28
N GLY A 296 -12.32 19.89 2.95
CA GLY A 296 -12.61 18.59 3.52
C GLY A 296 -12.49 18.58 5.04
N ILE A 297 -11.47 19.28 5.54
CA ILE A 297 -11.29 19.47 6.97
C ILE A 297 -12.48 20.21 7.59
N LEU A 298 -12.92 21.28 6.93
CA LEU A 298 -14.08 22.03 7.42
C LEU A 298 -15.32 21.14 7.50
N VAL A 299 -15.55 20.36 6.44
CA VAL A 299 -16.72 19.48 6.36
C VAL A 299 -16.68 18.39 7.43
N GLN A 300 -15.50 17.80 7.63
CA GLN A 300 -15.34 16.75 8.63
C GLN A 300 -15.51 17.29 10.06
N GLU A 301 -15.00 18.49 10.29
CA GLU A 301 -14.99 19.04 11.65
C GLU A 301 -16.32 19.65 12.06
N THR A 302 -17.04 20.23 11.10
CA THR A 302 -18.24 21.00 11.43
C THR A 302 -19.53 20.48 10.78
N GLY A 303 -19.38 19.66 9.74
CA GLY A 303 -20.55 19.14 9.04
C GLY A 303 -21.18 20.17 8.13
N VAL A 304 -20.48 21.27 7.90
CA VAL A 304 -20.95 22.31 7.00
C VAL A 304 -20.96 21.76 5.57
N ALA A 305 -21.83 22.31 4.72
CA ALA A 305 -21.95 21.83 3.35
C ALA A 305 -20.66 22.04 2.57
N PRO A 306 -20.31 21.07 1.71
CA PRO A 306 -19.05 21.07 0.94
C PRO A 306 -18.83 22.35 0.14
N SER A 307 -19.83 22.78 -0.63
CA SER A 307 -19.72 23.99 -1.45
C SER A 307 -19.53 25.23 -0.58
N ILE A 308 -20.19 25.24 0.57
CA ILE A 308 -20.01 26.34 1.52
C ILE A 308 -18.59 26.33 2.06
N ALA A 309 -18.08 25.13 2.34
CA ALA A 309 -16.72 24.98 2.83
C ALA A 309 -15.72 25.54 1.81
N ALA A 310 -15.94 25.20 0.54
CA ALA A 310 -15.12 25.76 -0.54
C ALA A 310 -15.19 27.29 -0.58
N GLN A 311 -16.39 27.84 -0.39
CA GLN A 311 -16.56 29.30 -0.37
C GLN A 311 -15.75 29.97 0.75
N LEU A 312 -15.90 29.45 1.97
CA LEU A 312 -15.10 29.88 3.11
C LEU A 312 -13.61 29.84 2.79
N VAL A 313 -13.18 28.71 2.21
CA VAL A 313 -11.79 28.56 1.83
C VAL A 313 -11.34 29.63 0.82
N THR A 314 -12.21 30.04 -0.11
CA THR A 314 -11.82 31.09 -1.05
C THR A 314 -11.65 32.42 -0.34
N VAL A 315 -12.48 32.67 0.67
CA VAL A 315 -12.30 33.89 1.48
C VAL A 315 -10.95 33.87 2.21
N ALA A 316 -10.63 32.71 2.77
CA ALA A 316 -9.34 32.53 3.43
C ALA A 316 -8.20 32.73 2.43
N ALA A 317 -8.37 32.25 1.21
CA ALA A 317 -7.37 32.37 0.17
C ALA A 317 -7.13 33.84 -0.15
N THR A 318 -8.23 34.59 -0.18
CA THR A 318 -8.17 36.02 -0.45
C THR A 318 -7.39 36.75 0.65
N ALA A 319 -7.70 36.46 1.91
CA ALA A 319 -6.93 37.08 2.99
C ALA A 319 -5.46 36.64 2.97
N ARG A 320 -5.21 35.38 2.69
CA ARG A 320 -3.85 34.86 2.73
C ARG A 320 -3.03 35.45 1.58
N ARG A 321 -3.73 35.89 0.54
CA ARG A 321 -3.07 36.55 -0.57
C ARG A 321 -2.71 37.99 -0.18
N LEU A 322 -3.32 38.49 0.89
CA LEU A 322 -3.05 39.84 1.38
C LEU A 322 -1.91 39.86 2.39
N LYS A 323 -1.30 38.70 2.60
CA LYS A 323 -0.14 38.59 3.47
C LYS A 323 1.01 39.44 2.91
N GLY A 324 1.51 40.38 3.72
CA GLY A 324 2.59 41.25 3.29
C GLY A 324 2.07 42.49 2.60
N HIS A 325 0.75 42.59 2.47
CA HIS A 325 0.13 43.72 1.82
C HIS A 325 -0.94 44.34 2.73
N GLY A 326 -0.66 44.35 4.03
CA GLY A 326 -1.62 44.86 4.99
C GLY A 326 -2.00 43.84 6.07
N LEU A 327 -1.64 42.58 5.84
CA LEU A 327 -1.83 41.54 6.85
C LEU A 327 -0.51 40.89 7.21
N ASP A 328 -0.30 40.63 8.50
CA ASP A 328 0.89 39.93 8.96
C ASP A 328 0.75 38.44 8.70
N GLU A 329 -0.48 37.96 8.73
CA GLU A 329 -0.76 36.56 8.46
C GLU A 329 -2.17 36.40 7.93
N GLY A 330 -2.33 35.51 6.97
CA GLY A 330 -3.64 35.25 6.41
C GLY A 330 -4.53 34.52 7.38
N ILE A 331 -5.72 34.18 6.93
CA ILE A 331 -6.69 33.47 7.74
C ILE A 331 -6.28 32.02 7.96
N SER A 332 -6.14 31.62 9.22
CA SER A 332 -5.80 30.23 9.56
C SER A 332 -6.98 29.27 9.40
N THR A 333 -6.66 27.98 9.35
CA THR A 333 -7.69 26.94 9.26
C THR A 333 -8.58 26.96 10.50
N ARG A 334 -8.00 27.32 11.64
CA ARG A 334 -8.75 27.36 12.89
C ARG A 334 -9.92 28.34 12.81
N LEU A 335 -9.67 29.52 12.27
CA LEU A 335 -10.71 30.54 12.10
C LEU A 335 -11.77 30.10 11.08
N LEU A 336 -11.36 29.36 10.05
CA LEU A 336 -12.33 28.81 9.11
C LEU A 336 -13.25 27.84 9.83
N VAL A 337 -12.66 27.03 10.71
CA VAL A 337 -13.43 26.11 11.54
C VAL A 337 -14.42 26.88 12.40
N TYR A 338 -13.97 27.99 12.99
CA TYR A 338 -14.85 28.85 13.78
C TYR A 338 -16.04 29.36 12.95
N ALA A 339 -15.76 29.80 11.73
CA ALA A 339 -16.78 30.37 10.86
C ALA A 339 -17.82 29.31 10.53
N ALA A 340 -17.33 28.14 10.14
CA ALA A 340 -18.20 27.00 9.83
C ALA A 340 -19.05 26.59 11.04
N MET A 341 -18.44 26.51 12.22
CA MET A 341 -19.15 26.19 13.45
C MET A 341 -20.28 27.19 13.71
N LEU A 342 -19.97 28.47 13.57
CA LEU A 342 -20.99 29.51 13.76
C LEU A 342 -22.14 29.37 12.76
N MET A 343 -21.80 29.13 11.50
CA MET A 343 -22.83 28.95 10.47
C MET A 343 -23.72 27.76 10.79
N ASP A 344 -23.09 26.69 11.25
CA ASP A 344 -23.80 25.46 11.59
C ASP A 344 -24.76 25.68 12.76
N ASP A 345 -24.46 26.67 13.60
CA ASP A 345 -25.35 27.05 14.69
C ASP A 345 -26.40 28.05 14.18
N GLY A 346 -26.40 28.29 12.87
CA GLY A 346 -27.42 29.14 12.28
C GLY A 346 -27.11 30.62 12.20
N VAL A 347 -25.85 30.99 12.45
CA VAL A 347 -25.43 32.37 12.25
C VAL A 347 -25.39 32.70 10.76
N ALA A 348 -25.89 33.88 10.39
CA ALA A 348 -25.84 34.34 9.02
C ALA A 348 -24.41 34.31 8.50
N PRO A 349 -24.20 33.74 7.31
CA PRO A 349 -22.87 33.58 6.70
C PRO A 349 -22.01 34.85 6.71
N ARG A 350 -22.57 35.98 6.31
CA ARG A 350 -21.83 37.24 6.32
C ARG A 350 -21.40 37.65 7.73
N ALA A 351 -22.29 37.45 8.70
CA ALA A 351 -22.00 37.76 10.10
C ALA A 351 -20.94 36.81 10.65
N ALA A 352 -21.12 35.51 10.41
CA ALA A 352 -20.16 34.49 10.82
C ALA A 352 -18.76 34.79 10.29
N CYS A 353 -18.66 35.12 9.01
CA CYS A 353 -17.37 35.42 8.40
C CYS A 353 -16.75 36.72 8.91
N ARG A 354 -17.58 37.74 9.14
CA ARG A 354 -17.05 38.97 9.74
C ARG A 354 -16.47 38.67 11.13
N MET A 355 -17.22 37.88 11.87
CA MET A 355 -16.95 37.57 13.27
C MET A 355 -15.72 36.66 13.49
N ALA A 356 -15.52 35.72 12.56
CA ALA A 356 -14.46 34.71 12.72
C ALA A 356 -13.24 34.97 11.83
N LEU A 357 -13.47 35.54 10.66
CA LEU A 357 -12.42 35.62 9.64
C LEU A 357 -11.83 37.02 9.46
N VAL A 358 -12.55 38.05 9.90
CA VAL A 358 -12.12 39.42 9.67
C VAL A 358 -11.70 40.14 10.95
N GLN A 359 -12.62 40.24 11.90
CA GLN A 359 -12.35 40.93 13.17
C GLN A 359 -11.15 40.40 13.97
N PRO A 360 -10.93 39.07 13.97
CA PRO A 360 -9.75 38.59 14.70
C PRO A 360 -8.39 39.01 14.13
N ILE A 361 -8.26 39.14 12.81
CA ILE A 361 -6.94 39.30 12.20
C ILE A 361 -6.54 40.72 11.80
N THR A 362 -7.45 41.68 11.84
CA THR A 362 -7.09 43.03 11.43
C THR A 362 -7.80 44.15 12.20
N ASP A 363 -7.10 45.27 12.38
CA ASP A 363 -7.69 46.48 12.95
C ASP A 363 -7.75 47.58 11.90
N ASP A 364 -7.16 47.31 10.74
CA ASP A 364 -7.14 48.26 9.63
C ASP A 364 -8.50 48.33 8.95
N ALA A 365 -9.09 49.52 8.92
CA ALA A 365 -10.44 49.71 8.37
C ALA A 365 -10.54 49.35 6.88
N ASP A 366 -9.46 49.56 6.14
CA ASP A 366 -9.48 49.31 4.71
C ASP A 366 -9.32 47.84 4.38
N ILE A 367 -8.43 47.16 5.10
CA ILE A 367 -8.26 45.72 4.95
C ILE A 367 -9.57 45.03 5.34
N ARG A 368 -10.17 45.52 6.42
CA ARG A 368 -11.48 45.05 6.86
C ARG A 368 -12.51 45.23 5.75
N ALA A 369 -12.52 46.41 5.12
CA ALA A 369 -13.45 46.66 4.02
C ALA A 369 -13.23 45.67 2.86
N THR A 370 -11.97 45.41 2.54
CA THR A 370 -11.61 44.48 1.48
C THR A 370 -12.11 43.06 1.76
N LEU A 371 -11.79 42.54 2.94
CA LEU A 371 -12.22 41.21 3.34
C LEU A 371 -13.74 41.10 3.38
N GLU A 372 -14.40 42.13 3.90
CA GLU A 372 -15.86 42.14 4.00
C GLU A 372 -16.52 42.19 2.62
N HIS A 373 -15.88 42.90 1.69
CA HIS A 373 -16.38 42.95 0.32
C HIS A 373 -16.24 41.56 -0.33
N ALA A 374 -15.10 40.92 -0.13
CA ALA A 374 -14.90 39.55 -0.61
C ALA A 374 -15.98 38.62 -0.07
N ILE A 375 -16.22 38.71 1.23
CA ILE A 375 -17.24 37.90 1.89
C ILE A 375 -18.62 38.14 1.30
N ASP A 376 -18.99 39.41 1.13
CA ASP A 376 -20.31 39.75 0.62
C ASP A 376 -20.45 39.41 -0.88
N MET A 377 -19.34 39.32 -1.59
CA MET A 377 -19.34 38.84 -2.97
C MET A 377 -19.53 37.34 -3.01
N THR A 378 -19.03 36.67 -1.98
CA THR A 378 -19.13 35.21 -1.89
C THR A 378 -20.50 34.78 -1.37
N PHE A 379 -20.94 35.40 -0.27
CA PHE A 379 -22.21 35.06 0.34
C PHE A 379 -23.25 36.18 0.15
N ALA A 380 -24.04 36.08 -0.91
CA ALA A 380 -25.06 37.09 -1.18
C ALA A 380 -26.29 36.87 -0.30
N SER B 114 6.63 -24.18 18.70
CA SER B 114 6.64 -25.11 17.59
C SER B 114 5.86 -24.57 16.39
N SER B 115 5.76 -23.24 16.31
CA SER B 115 5.03 -22.59 15.23
C SER B 115 5.57 -22.99 13.87
N ILE B 116 4.68 -23.19 12.90
CA ILE B 116 5.07 -23.62 11.56
C ILE B 116 5.76 -22.50 10.78
N LEU B 117 5.62 -21.26 11.26
CA LEU B 117 6.21 -20.12 10.58
C LEU B 117 7.58 -19.73 11.13
N ASN B 118 7.96 -20.33 12.27
CA ASN B 118 9.23 -19.99 12.90
C ASN B 118 10.42 -20.51 12.09
N GLN B 119 10.17 -21.48 11.23
CA GLN B 119 11.17 -21.93 10.28
C GLN B 119 11.30 -20.92 9.14
N TYR B 120 10.27 -20.10 8.98
CA TYR B 120 10.28 -19.09 7.92
C TYR B 120 10.71 -17.73 8.45
N LEU B 121 11.04 -17.67 9.73
CA LEU B 121 11.49 -16.42 10.35
C LEU B 121 12.89 -16.07 9.93
N VAL B 122 13.09 -14.87 9.43
CA VAL B 122 14.39 -14.42 9.03
C VAL B 122 14.99 -14.09 10.35
N GLY B 123 16.11 -14.69 10.73
CA GLY B 123 16.67 -14.40 12.04
C GLY B 123 17.65 -13.28 12.10
N LYS B 124 18.81 -13.46 11.52
CA LYS B 124 19.83 -12.46 11.50
C LYS B 124 19.48 -11.46 10.44
N GLU B 125 19.72 -10.18 10.71
CA GLU B 125 19.45 -9.13 9.74
C GLU B 125 20.24 -9.35 8.46
N PRO B 126 19.54 -9.49 7.34
CA PRO B 126 20.25 -9.64 6.06
C PRO B 126 20.80 -8.30 5.63
N PHE B 127 21.97 -8.30 4.99
CA PHE B 127 22.50 -7.06 4.49
C PHE B 127 21.85 -6.72 3.14
N TYR B 128 21.02 -5.69 3.13
CA TYR B 128 20.51 -5.16 1.88
C TYR B 128 20.88 -3.69 1.76
N GLN B 129 21.42 -3.32 0.61
CA GLN B 129 21.75 -1.93 0.34
C GLN B 129 20.70 -1.31 -0.58
N PRO B 130 19.87 -0.42 -0.02
CA PRO B 130 18.84 0.26 -0.81
C PRO B 130 19.46 1.14 -1.90
N GLN B 131 18.91 1.09 -3.11
CA GLN B 131 19.37 1.94 -4.20
C GLN B 131 18.61 3.26 -4.27
N HIS B 132 17.33 3.21 -3.92
CA HIS B 132 16.48 4.41 -3.97
C HIS B 132 15.40 3.87 -3.03
N ASP B 133 14.20 4.45 -3.09
CA ASP B 133 13.19 4.52 -2.04
C ASP B 133 12.32 3.26 -1.95
N GLU B 134 12.87 2.15 -2.38
CA GLU B 134 12.18 0.90 -2.38
C GLU B 134 11.65 0.45 -1.02
N VAL B 135 12.39 0.72 0.03
CA VAL B 135 12.01 0.33 1.40
C VAL B 135 10.77 1.10 1.86
N ALA B 136 10.81 2.43 1.76
CA ALA B 136 9.70 3.27 2.18
C ALA B 136 8.42 2.96 1.42
N LEU B 137 8.56 2.77 0.11
CA LEU B 137 7.42 2.48 -0.73
C LEU B 137 6.84 1.09 -0.42
N PHE B 138 7.71 0.12 -0.14
CA PHE B 138 7.23 -1.19 0.26
C PHE B 138 6.44 -1.08 1.56
N GLU B 139 6.95 -0.28 2.49
CA GLU B 139 6.24 -0.06 3.75
C GLU B 139 4.85 0.54 3.50
N ALA B 140 4.79 1.49 2.57
CA ALA B 140 3.53 2.11 2.19
C ALA B 140 2.54 1.08 1.64
N ALA B 141 3.06 0.19 0.81
CA ALA B 141 2.21 -0.82 0.18
C ALA B 141 1.72 -1.81 1.22
N TYR B 142 2.60 -2.17 2.15
CA TYR B 142 2.24 -3.13 3.18
C TYR B 142 1.19 -2.55 4.14
N ARG B 143 1.34 -1.29 4.50
CA ARG B 143 0.36 -0.65 5.38
C ARG B 143 -1.04 -0.68 4.76
N LYS B 144 -1.09 -0.61 3.43
CA LYS B 144 -2.37 -0.64 2.72
C LYS B 144 -2.74 -2.06 2.30
N ARG B 145 -1.90 -3.02 2.68
CA ARG B 145 -2.06 -4.42 2.30
C ARG B 145 -2.21 -4.60 0.80
N LEU B 146 -1.35 -3.92 0.04
CA LEU B 146 -1.35 -4.04 -1.42
C LEU B 146 -0.28 -5.01 -1.89
N PRO B 147 -0.64 -5.90 -2.83
CA PRO B 147 0.31 -6.84 -3.41
C PRO B 147 1.48 -6.11 -4.07
N VAL B 148 2.69 -6.64 -3.94
CA VAL B 148 3.86 -5.97 -4.52
C VAL B 148 4.55 -6.84 -5.58
N MET B 149 4.80 -6.27 -6.73
CA MET B 149 5.50 -6.91 -7.82
C MET B 149 6.88 -6.29 -7.98
N VAL B 150 7.91 -7.13 -7.93
CA VAL B 150 9.28 -6.65 -8.11
C VAL B 150 9.86 -7.20 -9.43
N LYS B 151 10.24 -6.27 -10.30
CA LYS B 151 10.74 -6.60 -11.62
C LYS B 151 12.21 -6.23 -11.71
N GLY B 152 12.98 -6.99 -12.47
CA GLY B 152 14.39 -6.71 -12.64
C GLY B 152 15.14 -7.94 -13.07
N PRO B 153 16.38 -7.75 -13.57
CA PRO B 153 17.21 -8.84 -14.06
C PRO B 153 17.62 -9.77 -12.93
N THR B 154 18.19 -10.93 -13.28
CA THR B 154 18.57 -11.89 -12.27
C THR B 154 19.72 -11.36 -11.42
N GLY B 155 19.67 -11.64 -10.12
CA GLY B 155 20.75 -11.29 -9.22
C GLY B 155 20.96 -9.81 -8.98
N CYS B 156 19.89 -9.03 -8.98
CA CYS B 156 20.01 -7.61 -8.68
C CYS B 156 19.41 -7.28 -7.31
N GLY B 157 19.29 -8.30 -6.47
CA GLY B 157 18.90 -8.12 -5.08
C GLY B 157 17.42 -8.08 -4.76
N LYS B 158 16.60 -8.68 -5.63
CA LYS B 158 15.15 -8.71 -5.39
C LYS B 158 14.81 -9.55 -4.17
N SER B 159 15.35 -10.77 -4.16
CA SER B 159 15.13 -11.69 -3.06
C SER B 159 15.67 -11.12 -1.75
N ARG B 160 16.83 -10.47 -1.81
CA ARG B 160 17.41 -9.98 -0.58
C ARG B 160 16.68 -8.74 -0.09
N PHE B 161 16.11 -7.99 -1.03
CA PHE B 161 15.23 -6.89 -0.69
C PHE B 161 14.03 -7.42 0.09
N VAL B 162 13.36 -8.43 -0.47
CA VAL B 162 12.17 -8.99 0.17
C VAL B 162 12.51 -9.58 1.54
N GLU B 163 13.61 -10.34 1.61
CA GLU B 163 14.11 -10.89 2.88
C GLU B 163 14.36 -9.79 3.92
N PHE B 164 14.93 -8.68 3.46
CA PHE B 164 15.19 -7.55 4.35
C PHE B 164 13.89 -6.96 4.86
N MET B 165 12.90 -6.81 3.98
CA MET B 165 11.62 -6.27 4.41
C MET B 165 10.94 -7.19 5.42
N ALA B 166 11.02 -8.51 5.18
CA ALA B 166 10.49 -9.48 6.13
C ALA B 166 11.15 -9.31 7.49
N TRP B 167 12.48 -9.25 7.52
CA TRP B 167 13.18 -9.04 8.79
C TRP B 167 12.72 -7.75 9.45
N ARG B 168 12.67 -6.69 8.65
CA ARG B 168 12.38 -5.35 9.13
C ARG B 168 10.96 -5.17 9.64
N LEU B 169 10.01 -5.79 8.95
CA LEU B 169 8.60 -5.71 9.35
C LEU B 169 8.29 -6.75 10.43
N GLY B 170 9.30 -7.55 10.78
CA GLY B 170 9.13 -8.61 11.76
C GLY B 170 8.18 -9.69 11.31
N LYS B 171 8.26 -10.05 10.02
CA LYS B 171 7.36 -11.06 9.47
C LYS B 171 8.12 -12.28 8.98
N PRO B 172 7.52 -13.47 9.14
CA PRO B 172 8.13 -14.66 8.54
C PRO B 172 8.02 -14.58 7.04
N LEU B 173 8.97 -15.20 6.33
CA LEU B 173 8.98 -15.13 4.87
C LEU B 173 8.90 -16.52 4.26
N VAL B 174 7.88 -16.73 3.42
CA VAL B 174 7.69 -17.99 2.73
C VAL B 174 7.99 -17.81 1.25
N THR B 175 9.13 -18.30 0.81
CA THR B 175 9.53 -18.14 -0.58
C THR B 175 9.19 -19.37 -1.40
N VAL B 176 8.59 -19.15 -2.55
CA VAL B 176 8.34 -20.21 -3.51
C VAL B 176 9.04 -19.86 -4.82
N ALA B 177 9.83 -20.79 -5.36
CA ALA B 177 10.46 -20.58 -6.65
C ALA B 177 9.64 -21.24 -7.75
N CYS B 178 9.05 -20.43 -8.61
CA CYS B 178 8.11 -20.91 -9.62
C CYS B 178 8.80 -21.54 -10.83
N ASN B 179 8.07 -22.41 -11.52
CA ASN B 179 8.61 -23.15 -12.65
C ASN B 179 7.49 -23.54 -13.59
N GLU B 180 7.85 -23.99 -14.79
CA GLU B 180 6.86 -24.36 -15.80
C GLU B 180 5.93 -25.47 -15.34
N ASP B 181 6.46 -26.44 -14.61
CA ASP B 181 5.68 -27.61 -14.22
C ASP B 181 4.84 -27.37 -12.97
N MET B 182 4.96 -26.18 -12.40
CA MET B 182 4.23 -25.82 -11.19
C MET B 182 2.72 -25.77 -11.42
N THR B 183 1.97 -26.39 -10.52
CA THR B 183 0.52 -26.37 -10.57
C THR B 183 -0.07 -25.51 -9.45
N ALA B 184 -1.38 -25.35 -9.45
CA ALA B 184 -2.07 -24.63 -8.37
C ALA B 184 -1.89 -25.37 -7.04
N ALA B 185 -1.84 -26.69 -7.11
CA ALA B 185 -1.70 -27.53 -5.92
C ALA B 185 -0.37 -27.30 -5.21
N ASP B 186 0.68 -27.00 -5.97
CA ASP B 186 1.98 -26.74 -5.40
C ASP B 186 1.97 -25.48 -4.54
N LEU B 187 1.08 -24.55 -4.87
CA LEU B 187 0.95 -23.31 -4.10
C LEU B 187 -0.03 -23.46 -2.95
N VAL B 188 -1.16 -24.09 -3.26
CA VAL B 188 -2.32 -24.13 -2.36
C VAL B 188 -2.31 -25.34 -1.42
N GLY B 189 -2.05 -26.51 -1.96
CA GLY B 189 -2.00 -27.72 -1.15
C GLY B 189 -2.64 -28.89 -1.85
N ARG B 190 -2.66 -30.06 -1.23
CA ARG B 190 -3.21 -31.24 -1.84
C ARG B 190 -3.53 -32.37 -0.87
N TRP B 191 -4.14 -33.42 -1.37
CA TRP B 191 -4.40 -34.62 -0.58
C TRP B 191 -3.26 -35.62 -0.75
N LEU B 192 -2.51 -35.87 0.31
CA LEU B 192 -1.52 -36.93 0.35
C LEU B 192 -2.19 -38.23 0.81
N LEU B 193 -1.58 -39.37 0.50
CA LEU B 193 -2.19 -40.64 0.88
C LEU B 193 -1.64 -41.19 2.20
N ASP B 194 -2.57 -41.36 3.14
CA ASP B 194 -2.28 -41.99 4.44
C ASP B 194 -2.29 -43.50 4.30
N LYS B 195 -1.59 -44.18 5.20
CA LYS B 195 -1.80 -45.61 5.37
C LYS B 195 -3.28 -45.84 5.72
N ASP B 196 -3.87 -44.81 6.30
CA ASP B 196 -5.26 -44.79 6.66
C ASP B 196 -6.14 -43.92 5.77
N GLY B 197 -5.70 -43.67 4.54
CA GLY B 197 -6.50 -42.89 3.60
C GLY B 197 -6.04 -41.62 2.95
N THR B 198 -6.63 -40.51 3.32
CA THR B 198 -6.24 -39.24 2.74
C THR B 198 -6.03 -38.23 3.78
N ARG B 199 -4.96 -37.49 3.62
CA ARG B 199 -4.57 -36.43 4.54
C ARG B 199 -4.42 -35.12 3.77
N TRP B 200 -4.99 -34.03 4.27
CA TRP B 200 -4.76 -32.76 3.59
C TRP B 200 -3.48 -32.10 4.06
N GLN B 201 -2.74 -31.53 3.10
CA GLN B 201 -1.53 -30.78 3.41
C GLN B 201 -1.56 -29.41 2.74
N ASP B 202 -1.39 -28.37 3.55
CA ASP B 202 -1.39 -27.00 3.05
C ASP B 202 -0.14 -26.72 2.22
N GLY B 203 -0.31 -25.89 1.18
CA GLY B 203 0.81 -25.41 0.41
C GLY B 203 1.35 -24.15 1.07
N PRO B 204 2.51 -23.68 0.60
CA PRO B 204 3.16 -22.49 1.17
C PRO B 204 2.27 -21.25 1.15
N LEU B 205 1.63 -20.98 0.01
CA LEU B 205 0.75 -19.83 -0.13
C LEU B 205 -0.40 -19.88 0.88
N THR B 206 -0.90 -21.09 1.10
CA THR B 206 -1.99 -21.28 2.04
C THR B 206 -1.52 -21.02 3.48
N VAL B 207 -0.35 -21.53 3.84
CA VAL B 207 0.18 -21.31 5.18
C VAL B 207 0.36 -19.81 5.45
N ALA B 208 1.06 -19.14 4.53
CA ALA B 208 1.26 -17.70 4.63
C ALA B 208 -0.07 -16.95 4.74
N ALA B 209 -1.05 -17.34 3.93
CA ALA B 209 -2.36 -16.67 3.96
C ALA B 209 -3.11 -16.92 5.27
N ARG B 210 -2.86 -18.07 5.87
CA ARG B 210 -3.51 -18.44 7.12
C ARG B 210 -2.96 -17.64 8.28
N TYR B 211 -1.63 -17.52 8.35
CA TYR B 211 -1.04 -16.93 9.55
C TYR B 211 -0.34 -15.59 9.31
N GLY B 212 -0.60 -14.99 8.16
CA GLY B 212 -0.20 -13.62 7.90
C GLY B 212 1.28 -13.37 7.68
N ALA B 213 1.94 -14.29 7.00
CA ALA B 213 3.34 -14.10 6.63
C ALA B 213 3.42 -13.38 5.30
N ILE B 214 4.63 -13.08 4.85
CA ILE B 214 4.82 -12.61 3.48
C ILE B 214 5.05 -13.83 2.60
N CYS B 215 4.33 -13.92 1.49
CA CYS B 215 4.57 -14.99 0.55
C CYS B 215 5.19 -14.43 -0.72
N TYR B 216 6.37 -14.93 -1.06
CA TYR B 216 7.15 -14.42 -2.17
C TYR B 216 7.27 -15.44 -3.31
N LEU B 217 6.52 -15.18 -4.38
CA LEU B 217 6.59 -16.01 -5.58
C LEU B 217 7.67 -15.49 -6.52
N ASP B 218 8.81 -16.15 -6.51
CA ASP B 218 9.96 -15.78 -7.33
C ASP B 218 9.79 -16.33 -8.76
N GLU B 219 10.12 -15.49 -9.74
CA GLU B 219 10.00 -15.85 -11.15
C GLU B 219 8.60 -16.33 -11.51
N ILE B 220 7.61 -15.49 -11.20
CA ILE B 220 6.21 -15.84 -11.37
C ILE B 220 5.85 -16.16 -12.83
N VAL B 221 6.54 -15.53 -13.78
CA VAL B 221 6.20 -15.72 -15.20
C VAL B 221 6.59 -17.09 -15.74
N GLU B 222 7.40 -17.83 -14.99
CA GLU B 222 7.80 -19.18 -15.43
C GLU B 222 6.61 -20.13 -15.40
N ALA B 223 5.74 -19.95 -14.42
CA ALA B 223 4.56 -20.80 -14.29
C ALA B 223 3.53 -20.42 -15.34
N ARG B 224 2.71 -21.39 -15.74
CA ARG B 224 1.65 -21.15 -16.71
C ARG B 224 0.70 -20.07 -16.18
N GLN B 225 0.27 -19.18 -17.07
CA GLN B 225 -0.57 -18.04 -16.70
C GLN B 225 -1.92 -18.46 -16.15
N ASP B 226 -2.41 -19.60 -16.66
CA ASP B 226 -3.70 -20.13 -16.24
C ASP B 226 -3.63 -20.85 -14.89
N THR B 227 -2.41 -21.04 -14.39
CA THR B 227 -2.17 -21.60 -13.06
C THR B 227 -2.01 -20.47 -12.03
N THR B 228 -1.34 -19.41 -12.46
CA THR B 228 -1.03 -18.26 -11.61
C THR B 228 -2.27 -17.46 -11.20
N VAL B 229 -3.39 -17.68 -11.91
CA VAL B 229 -4.63 -16.99 -11.59
C VAL B 229 -5.26 -17.50 -10.28
N VAL B 230 -4.63 -18.50 -9.67
CA VAL B 230 -5.10 -19.03 -8.40
C VAL B 230 -4.89 -18.00 -7.28
N ILE B 231 -3.98 -17.04 -7.50
CA ILE B 231 -3.64 -16.05 -6.48
C ILE B 231 -4.58 -14.85 -6.49
N HIS B 232 -5.53 -14.83 -7.43
CA HIS B 232 -6.45 -13.69 -7.58
C HIS B 232 -7.35 -13.40 -6.36
N PRO B 233 -7.94 -14.44 -5.74
CA PRO B 233 -8.80 -14.09 -4.60
C PRO B 233 -8.03 -13.50 -3.41
N LEU B 234 -6.72 -13.68 -3.38
CA LEU B 234 -5.91 -13.11 -2.30
C LEU B 234 -5.57 -11.63 -2.54
N THR B 235 -6.09 -11.06 -3.63
CA THR B 235 -5.87 -9.64 -3.93
C THR B 235 -7.18 -8.83 -3.99
N ASP B 236 -8.30 -9.52 -3.84
CA ASP B 236 -9.60 -8.85 -3.78
C ASP B 236 -9.77 -8.20 -2.40
N HIS B 237 -10.62 -7.19 -2.29
CA HIS B 237 -10.69 -6.38 -1.07
C HIS B 237 -11.18 -7.17 0.13
N ARG B 238 -11.96 -8.23 -0.12
CA ARG B 238 -12.13 -9.24 0.91
C ARG B 238 -11.25 -10.42 0.51
N ARG B 239 -10.12 -10.51 1.17
CA ARG B 239 -9.06 -11.42 0.79
C ARG B 239 -9.34 -12.83 1.28
N THR B 240 -9.55 -13.74 0.33
CA THR B 240 -9.81 -15.12 0.66
C THR B 240 -8.93 -16.07 -0.12
N LEU B 241 -8.80 -17.28 0.39
CA LEU B 241 -8.19 -18.36 -0.36
C LEU B 241 -9.13 -19.54 -0.33
N PRO B 242 -9.67 -19.88 -1.51
CA PRO B 242 -10.54 -21.05 -1.63
C PRO B 242 -9.72 -22.32 -1.81
N LEU B 243 -9.89 -23.25 -0.87
CA LEU B 243 -9.33 -24.58 -1.02
C LEU B 243 -10.48 -25.49 -1.42
N ASP B 244 -10.80 -25.46 -2.71
CA ASP B 244 -11.96 -26.17 -3.24
C ASP B 244 -11.74 -27.67 -3.28
N LYS B 245 -10.47 -28.08 -3.33
CA LYS B 245 -10.10 -29.49 -3.30
C LYS B 245 -10.20 -30.00 -1.86
N LYS B 246 -10.14 -29.07 -0.91
CA LYS B 246 -10.26 -29.38 0.50
C LYS B 246 -11.69 -29.13 0.98
N GLY B 247 -12.35 -28.16 0.34
CA GLY B 247 -13.70 -27.79 0.72
C GLY B 247 -13.67 -26.82 1.88
N GLU B 248 -12.62 -26.00 1.94
CA GLU B 248 -12.50 -24.99 2.98
C GLU B 248 -12.44 -23.58 2.37
N LEU B 249 -13.10 -22.64 3.03
CA LEU B 249 -13.06 -21.25 2.63
C LEU B 249 -12.23 -20.43 3.63
N ILE B 250 -11.01 -20.08 3.24
CA ILE B 250 -10.13 -19.37 4.16
C ILE B 250 -10.25 -17.86 4.03
N ARG B 251 -10.47 -17.16 5.14
CA ARG B 251 -10.35 -15.71 5.16
C ARG B 251 -8.91 -15.36 5.49
N ALA B 252 -8.26 -14.62 4.60
CA ALA B 252 -6.83 -14.33 4.75
C ALA B 252 -6.55 -13.54 6.03
N HIS B 253 -5.48 -13.94 6.72
CA HIS B 253 -5.00 -13.22 7.89
C HIS B 253 -4.79 -11.75 7.53
N PRO B 254 -5.14 -10.83 8.45
CA PRO B 254 -5.05 -9.39 8.20
C PRO B 254 -3.65 -8.92 7.82
N ASP B 255 -2.64 -9.67 8.24
CA ASP B 255 -1.26 -9.24 8.05
C ASP B 255 -0.58 -10.01 6.93
N PHE B 256 -1.37 -10.69 6.10
CA PHE B 256 -0.80 -11.40 4.94
C PHE B 256 -0.36 -10.43 3.86
N GLN B 257 0.78 -10.73 3.25
CA GLN B 257 1.34 -9.86 2.22
C GLN B 257 1.85 -10.68 1.04
N LEU B 258 1.33 -10.40 -0.14
CA LEU B 258 1.77 -11.12 -1.34
C LEU B 258 2.80 -10.33 -2.12
N VAL B 259 3.89 -10.99 -2.45
CA VAL B 259 4.96 -10.39 -3.24
C VAL B 259 5.31 -11.34 -4.37
N ILE B 260 5.31 -10.85 -5.60
CA ILE B 260 5.79 -11.65 -6.72
C ILE B 260 7.00 -10.98 -7.34
N SER B 261 7.68 -11.72 -8.21
CA SER B 261 8.87 -11.18 -8.85
C SER B 261 9.09 -11.81 -10.21
N TYR B 262 9.64 -11.05 -11.15
CA TYR B 262 10.04 -11.67 -12.41
C TYR B 262 11.04 -10.85 -13.20
N ASN B 263 11.69 -11.52 -14.15
CA ASN B 263 12.65 -10.89 -15.05
C ASN B 263 11.98 -10.47 -16.35
N PRO B 264 11.77 -9.16 -16.54
CA PRO B 264 11.12 -8.65 -17.74
C PRO B 264 12.04 -8.78 -18.96
N GLY B 265 11.46 -9.08 -20.12
CA GLY B 265 12.22 -9.19 -21.35
C GLY B 265 12.99 -10.50 -21.45
N TYR B 266 13.01 -11.25 -20.35
CA TYR B 266 13.68 -12.56 -20.34
C TYR B 266 12.85 -13.57 -21.13
N GLN B 267 11.60 -13.21 -21.41
CA GLN B 267 10.71 -14.06 -22.19
C GLN B 267 9.99 -13.25 -23.26
N SER B 268 9.64 -13.90 -24.36
CA SER B 268 8.83 -13.27 -25.40
C SER B 268 7.39 -13.10 -24.90
N LEU B 269 6.52 -12.63 -25.78
CA LEU B 269 5.14 -12.28 -25.41
C LEU B 269 4.33 -13.45 -24.85
N MET B 270 4.72 -14.67 -25.22
CA MET B 270 3.95 -15.86 -24.87
C MET B 270 3.90 -16.15 -23.37
N LYS B 271 5.05 -16.07 -22.71
CA LYS B 271 5.18 -16.49 -21.32
C LYS B 271 4.69 -15.45 -20.32
N ASP B 272 4.52 -14.20 -20.76
CA ASP B 272 4.26 -13.08 -19.87
C ASP B 272 2.94 -13.19 -19.09
N LEU B 273 2.84 -12.46 -17.98
CA LEU B 273 1.64 -12.44 -17.14
C LEU B 273 0.39 -11.93 -17.87
N LYS B 274 -0.76 -12.51 -17.56
CA LYS B 274 -2.03 -11.99 -18.03
C LYS B 274 -2.30 -10.62 -17.42
N GLN B 275 -3.07 -9.80 -18.12
CA GLN B 275 -3.42 -8.47 -17.64
C GLN B 275 -4.18 -8.55 -16.32
N SER B 276 -5.06 -9.55 -16.22
CA SER B 276 -5.88 -9.75 -15.02
C SER B 276 -5.02 -10.00 -13.77
N THR B 277 -3.84 -10.58 -13.97
CA THR B 277 -2.89 -10.77 -12.86
C THR B 277 -2.05 -9.50 -12.65
N LYS B 278 -1.49 -8.96 -13.72
CA LYS B 278 -0.62 -7.78 -13.62
C LYS B 278 -1.31 -6.60 -12.92
N GLN B 279 -2.57 -6.37 -13.27
CA GLN B 279 -3.31 -5.24 -12.75
C GLN B 279 -3.92 -5.52 -11.37
N ARG B 280 -3.31 -6.45 -10.66
CA ARG B 280 -3.65 -6.70 -9.26
C ARG B 280 -2.47 -6.37 -8.37
N PHE B 281 -1.41 -5.83 -8.96
CA PHE B 281 -0.19 -5.52 -8.22
C PHE B 281 0.22 -4.04 -8.34
N THR B 282 0.96 -3.55 -7.34
CA THR B 282 1.75 -2.34 -7.48
C THR B 282 3.14 -2.80 -7.85
N GLY B 283 4.03 -1.93 -8.30
CA GLY B 283 5.29 -2.42 -8.82
C GLY B 283 6.55 -1.58 -8.66
N PHE B 284 7.66 -2.27 -8.44
CA PHE B 284 8.99 -1.68 -8.49
C PHE B 284 9.78 -2.29 -9.64
N GLU B 285 10.63 -1.48 -10.26
CA GLU B 285 11.59 -2.04 -11.20
C GLU B 285 13.00 -1.85 -10.63
N PHE B 286 13.69 -2.96 -10.40
CA PHE B 286 15.06 -2.94 -9.93
C PHE B 286 16.01 -3.01 -11.12
N ASP B 287 17.20 -2.46 -10.93
CA ASP B 287 18.27 -2.58 -11.92
C ASP B 287 19.57 -2.74 -11.16
N TYR B 288 20.64 -3.13 -11.85
CA TYR B 288 21.94 -3.19 -11.21
C TYR B 288 22.33 -1.78 -10.76
N PRO B 289 22.90 -1.66 -9.56
CA PRO B 289 23.21 -0.34 -8.98
C PRO B 289 24.30 0.41 -9.73
N ASN B 290 24.46 1.70 -9.46
CA ASN B 290 25.56 2.47 -10.04
C ASN B 290 26.91 1.95 -9.53
N ALA B 291 27.98 2.37 -10.19
CA ALA B 291 29.31 1.83 -9.94
C ALA B 291 29.77 1.90 -8.47
N GLU B 292 29.59 3.06 -7.85
CA GLU B 292 30.03 3.27 -6.47
C GLU B 292 29.28 2.38 -5.48
N LEU B 293 27.96 2.40 -5.60
CA LEU B 293 27.11 1.62 -4.71
C LEU B 293 27.37 0.12 -4.86
N GLU B 294 27.46 -0.34 -6.11
CA GLU B 294 27.71 -1.76 -6.37
C GLU B 294 29.06 -2.18 -5.79
N ALA B 295 30.06 -1.32 -5.98
CA ALA B 295 31.39 -1.59 -5.45
C ALA B 295 31.33 -1.75 -3.92
N GLY B 296 30.68 -0.79 -3.27
CA GLY B 296 30.50 -0.86 -1.82
C GLY B 296 29.79 -2.12 -1.37
N ILE B 297 28.80 -2.56 -2.15
CA ILE B 297 28.05 -3.78 -1.85
C ILE B 297 28.99 -4.99 -1.89
N LEU B 298 29.79 -5.06 -2.95
CA LEU B 298 30.77 -6.13 -3.09
C LEU B 298 31.71 -6.17 -1.88
N VAL B 299 32.23 -5.00 -1.52
CA VAL B 299 33.16 -4.89 -0.40
C VAL B 299 32.53 -5.37 0.90
N GLN B 300 31.30 -4.93 1.15
CA GLN B 300 30.61 -5.29 2.38
C GLN B 300 30.33 -6.79 2.45
N GLU B 301 30.01 -7.40 1.36
CA GLU B 301 29.71 -8.78 1.38
C GLU B 301 30.78 -9.76 1.33
N THR B 302 31.84 -9.42 0.68
CA THR B 302 32.92 -10.38 0.47
C THR B 302 34.20 -10.04 1.22
N GLY B 303 34.39 -8.75 1.53
CA GLY B 303 35.59 -8.31 2.22
C GLY B 303 36.71 -8.02 1.24
N VAL B 304 36.39 -8.07 -0.04
CA VAL B 304 37.35 -7.80 -1.09
C VAL B 304 37.84 -6.35 -1.01
N ALA B 305 39.04 -6.10 -1.50
CA ALA B 305 39.60 -4.74 -1.51
C ALA B 305 38.76 -3.82 -2.40
N PRO B 306 38.53 -2.58 -1.94
CA PRO B 306 37.68 -1.61 -2.65
C PRO B 306 38.07 -1.36 -4.10
N SER B 307 39.36 -1.12 -4.35
CA SER B 307 39.83 -0.88 -5.72
C SER B 307 39.49 -2.05 -6.63
N ILE B 308 39.64 -3.26 -6.10
CA ILE B 308 39.32 -4.47 -6.85
C ILE B 308 37.82 -4.54 -7.11
N ALA B 309 37.02 -4.11 -6.14
CA ALA B 309 35.58 -4.04 -6.33
C ALA B 309 35.24 -3.13 -7.51
N ALA B 310 35.86 -1.95 -7.52
CA ALA B 310 35.61 -0.96 -8.59
C ALA B 310 36.01 -1.52 -9.97
N GLN B 311 37.13 -2.22 -10.03
CA GLN B 311 37.55 -2.88 -11.28
C GLN B 311 36.55 -3.94 -11.74
N LEU B 312 36.08 -4.75 -10.79
CA LEU B 312 35.07 -5.76 -11.08
C LEU B 312 33.83 -5.10 -11.68
N VAL B 313 33.42 -4.00 -11.07
CA VAL B 313 32.29 -3.25 -11.57
C VAL B 313 32.52 -2.77 -13.00
N THR B 314 33.75 -2.33 -13.33
CA THR B 314 34.00 -1.89 -14.72
C THR B 314 33.86 -3.06 -15.72
N VAL B 315 34.35 -4.24 -15.33
CA VAL B 315 34.11 -5.43 -16.15
C VAL B 315 32.60 -5.71 -16.35
N ALA B 316 31.85 -5.66 -15.25
CA ALA B 316 30.40 -5.88 -15.34
C ALA B 316 29.74 -4.86 -16.27
N ALA B 317 30.18 -3.61 -16.19
CA ALA B 317 29.66 -2.55 -17.06
C ALA B 317 29.93 -2.92 -18.52
N THR B 318 31.12 -3.41 -18.77
CA THR B 318 31.50 -3.83 -20.11
C THR B 318 30.54 -4.91 -20.61
N ALA B 319 30.27 -5.91 -19.79
CA ALA B 319 29.33 -6.97 -20.21
C ALA B 319 27.88 -6.48 -20.33
N ARG B 320 27.51 -5.51 -19.51
CA ARG B 320 26.14 -5.00 -19.53
C ARG B 320 25.89 -4.18 -20.79
N ARG B 321 26.92 -3.49 -21.27
CA ARG B 321 26.79 -2.75 -22.52
C ARG B 321 26.65 -3.68 -23.70
N LEU B 322 27.00 -4.95 -23.49
CA LEU B 322 26.98 -5.94 -24.55
C LEU B 322 25.62 -6.65 -24.63
N LYS B 323 24.69 -6.25 -23.77
CA LYS B 323 23.34 -6.83 -23.77
C LYS B 323 22.58 -6.50 -25.05
N GLY B 324 22.12 -7.53 -25.74
CA GLY B 324 21.45 -7.35 -27.02
C GLY B 324 22.44 -7.42 -28.17
N HIS B 325 23.72 -7.57 -27.82
CA HIS B 325 24.78 -7.63 -28.81
C HIS B 325 25.60 -8.92 -28.68
N GLY B 326 24.93 -10.00 -28.30
CA GLY B 326 25.61 -11.26 -28.09
C GLY B 326 25.31 -11.88 -26.74
N LEU B 327 24.88 -11.05 -25.79
CA LEU B 327 24.51 -11.52 -24.47
C LEU B 327 23.04 -11.27 -24.20
N ASP B 328 22.38 -12.22 -23.56
CA ASP B 328 20.97 -12.05 -23.21
C ASP B 328 20.86 -11.19 -21.97
N GLU B 329 21.87 -11.27 -21.12
CA GLU B 329 21.90 -10.47 -19.91
C GLU B 329 23.35 -10.15 -19.56
N GLY B 330 23.58 -8.96 -19.02
CA GLY B 330 24.91 -8.57 -18.60
C GLY B 330 25.32 -9.36 -17.36
N ILE B 331 26.49 -9.05 -16.83
CA ILE B 331 26.95 -9.69 -15.61
C ILE B 331 26.15 -9.19 -14.41
N SER B 332 25.56 -10.10 -13.65
CA SER B 332 24.77 -9.74 -12.49
C SER B 332 25.65 -9.38 -11.30
N THR B 333 25.04 -8.79 -10.27
CA THR B 333 25.77 -8.46 -9.04
C THR B 333 26.14 -9.73 -8.29
N ARG B 334 25.34 -10.79 -8.45
CA ARG B 334 25.63 -12.07 -7.81
C ARG B 334 26.96 -12.65 -8.30
N LEU B 335 27.17 -12.62 -9.62
CA LEU B 335 28.41 -13.14 -10.18
C LEU B 335 29.60 -12.29 -9.76
N LEU B 336 29.41 -10.98 -9.67
CA LEU B 336 30.46 -10.09 -9.16
C LEU B 336 30.81 -10.46 -7.73
N VAL B 337 29.78 -10.80 -6.95
CA VAL B 337 29.97 -11.27 -5.58
C VAL B 337 30.80 -12.55 -5.58
N TYR B 338 30.49 -13.47 -6.50
CA TYR B 338 31.28 -14.69 -6.67
C TYR B 338 32.75 -14.40 -6.94
N ALA B 339 33.01 -13.51 -7.89
CA ALA B 339 34.37 -13.15 -8.26
C ALA B 339 35.11 -12.53 -7.08
N ALA B 340 34.44 -11.62 -6.38
CA ALA B 340 35.04 -10.98 -5.21
C ALA B 340 35.31 -11.97 -4.08
N MET B 341 34.41 -12.92 -3.87
CA MET B 341 34.63 -13.98 -2.88
C MET B 341 35.87 -14.79 -3.24
N LEU B 342 35.98 -15.15 -4.52
CA LEU B 342 37.14 -15.90 -4.99
C LEU B 342 38.44 -15.13 -4.79
N MET B 343 38.47 -13.87 -5.22
CA MET B 343 39.67 -13.05 -5.12
C MET B 343 40.05 -12.80 -3.66
N ASP B 344 39.04 -12.65 -2.82
CA ASP B 344 39.22 -12.48 -1.39
C ASP B 344 39.95 -13.72 -0.85
N ASP B 345 39.63 -14.87 -1.43
CA ASP B 345 40.23 -16.13 -1.03
C ASP B 345 41.61 -16.33 -1.64
N GLY B 346 42.05 -15.37 -2.44
CA GLY B 346 43.41 -15.40 -2.97
C GLY B 346 43.55 -15.86 -4.41
N VAL B 347 42.43 -16.02 -5.11
CA VAL B 347 42.47 -16.40 -6.52
C VAL B 347 42.91 -15.21 -7.36
N ALA B 348 43.79 -15.47 -8.33
CA ALA B 348 44.22 -14.46 -9.29
C ALA B 348 43.03 -13.88 -10.04
N PRO B 349 42.97 -12.54 -10.12
CA PRO B 349 41.87 -11.77 -10.72
C PRO B 349 41.41 -12.26 -12.09
N ARG B 350 42.34 -12.55 -12.99
CA ARG B 350 41.96 -12.98 -14.34
C ARG B 350 41.26 -14.33 -14.32
N ALA B 351 41.76 -15.24 -13.48
CA ALA B 351 41.16 -16.56 -13.36
C ALA B 351 39.79 -16.45 -12.73
N ALA B 352 39.71 -15.73 -11.61
CA ALA B 352 38.44 -15.54 -10.91
C ALA B 352 37.39 -14.91 -11.83
N CYS B 353 37.82 -13.97 -12.67
CA CYS B 353 36.89 -13.29 -13.58
C CYS B 353 36.42 -14.20 -14.71
N ARG B 354 37.34 -14.93 -15.32
CA ARG B 354 36.95 -15.91 -16.34
C ARG B 354 35.93 -16.90 -15.77
N MET B 355 36.26 -17.39 -14.58
CA MET B 355 35.52 -18.44 -13.90
C MET B 355 34.13 -18.02 -13.41
N ALA B 356 34.01 -16.79 -12.91
CA ALA B 356 32.78 -16.35 -12.27
C ALA B 356 31.92 -15.45 -13.15
N LEU B 357 32.55 -14.78 -14.10
CA LEU B 357 31.87 -13.74 -14.86
C LEU B 357 31.66 -14.08 -16.34
N VAL B 358 32.55 -14.87 -16.93
CA VAL B 358 32.50 -15.11 -18.38
C VAL B 358 31.85 -16.44 -18.75
N GLN B 359 32.49 -17.50 -18.27
CA GLN B 359 32.07 -18.90 -18.40
C GLN B 359 30.56 -19.18 -18.12
N PRO B 360 30.00 -18.62 -17.03
CA PRO B 360 28.57 -18.85 -16.76
C PRO B 360 27.60 -18.21 -17.75
N ILE B 361 27.92 -17.05 -18.31
CA ILE B 361 26.92 -16.29 -19.05
C ILE B 361 26.96 -16.48 -20.57
N THR B 362 28.01 -17.10 -21.09
CA THR B 362 28.08 -17.25 -22.54
C THR B 362 28.75 -18.54 -23.01
N ASP B 363 28.39 -18.95 -24.23
CA ASP B 363 29.00 -20.08 -24.92
C ASP B 363 29.66 -19.61 -26.21
N ASP B 364 29.53 -18.31 -26.50
CA ASP B 364 30.09 -17.73 -27.71
C ASP B 364 31.57 -17.44 -27.51
N ALA B 365 32.41 -18.03 -28.35
CA ALA B 365 33.87 -17.89 -28.24
C ALA B 365 34.31 -16.45 -28.39
N ASP B 366 33.61 -15.70 -29.23
CA ASP B 366 34.03 -14.34 -29.50
C ASP B 366 33.58 -13.37 -28.40
N ILE B 367 32.39 -13.58 -27.86
CA ILE B 367 31.94 -12.82 -26.69
C ILE B 367 32.87 -13.09 -25.52
N ARG B 368 33.21 -14.36 -25.36
CA ARG B 368 34.17 -14.79 -24.34
C ARG B 368 35.49 -14.06 -24.55
N ALA B 369 35.93 -13.94 -25.80
CA ALA B 369 37.20 -13.29 -26.10
C ALA B 369 37.14 -11.80 -25.78
N THR B 370 36.00 -11.17 -26.06
CA THR B 370 35.79 -9.76 -25.78
C THR B 370 35.83 -9.47 -24.28
N LEU B 371 35.09 -10.27 -23.52
CA LEU B 371 35.06 -10.13 -22.07
C LEU B 371 36.42 -10.38 -21.46
N GLU B 372 37.08 -11.44 -21.91
CA GLU B 372 38.40 -11.81 -21.41
C GLU B 372 39.41 -10.72 -21.72
N HIS B 373 39.24 -10.06 -22.86
CA HIS B 373 40.13 -8.95 -23.20
C HIS B 373 39.89 -7.78 -22.26
N ALA B 374 38.63 -7.46 -22.01
CA ALA B 374 38.30 -6.41 -21.05
C ALA B 374 38.95 -6.71 -19.68
N ILE B 375 38.81 -7.95 -19.24
CA ILE B 375 39.41 -8.40 -17.99
C ILE B 375 40.92 -8.20 -17.97
N ASP B 376 41.60 -8.66 -19.02
CA ASP B 376 43.06 -8.54 -19.06
C ASP B 376 43.51 -7.07 -19.14
N MET B 377 42.69 -6.22 -19.74
CA MET B 377 42.98 -4.79 -19.79
C MET B 377 42.80 -4.15 -18.43
N THR B 378 41.88 -4.71 -17.65
CA THR B 378 41.58 -4.18 -16.33
C THR B 378 42.58 -4.69 -15.29
N PHE B 379 42.76 -6.02 -15.25
CA PHE B 379 43.61 -6.63 -14.23
C PHE B 379 45.00 -7.02 -14.73
N ALA B 380 46.02 -6.54 -14.03
CA ALA B 380 47.40 -6.91 -14.34
C ALA B 380 47.77 -8.23 -13.68
N SER C 114 -24.98 -24.87 12.18
CA SER C 114 -25.65 -23.95 11.27
C SER C 114 -25.38 -24.32 9.81
N SER C 115 -26.17 -23.77 8.90
CA SER C 115 -26.10 -24.08 7.47
C SER C 115 -24.73 -23.81 6.85
N ILE C 116 -24.36 -24.64 5.89
CA ILE C 116 -23.06 -24.52 5.25
C ILE C 116 -23.00 -23.32 4.30
N LEU C 117 -24.16 -22.76 3.98
CA LEU C 117 -24.26 -21.64 3.04
C LEU C 117 -24.09 -20.27 3.71
N ASN C 118 -24.18 -20.22 5.03
CA ASN C 118 -24.13 -18.94 5.74
C ASN C 118 -22.74 -18.32 5.79
N GLN C 119 -21.71 -19.13 5.56
CA GLN C 119 -20.35 -18.64 5.42
C GLN C 119 -20.20 -17.91 4.08
N TYR C 120 -21.11 -18.19 3.16
CA TYR C 120 -21.08 -17.56 1.83
C TYR C 120 -22.01 -16.37 1.76
N LEU C 121 -22.64 -16.04 2.87
CA LEU C 121 -23.49 -14.86 2.94
C LEU C 121 -22.63 -13.62 2.91
N VAL C 122 -23.03 -12.66 2.11
CA VAL C 122 -22.41 -11.35 2.11
C VAL C 122 -22.88 -10.59 3.35
N GLY C 123 -21.94 -10.23 4.21
CA GLY C 123 -22.29 -9.55 5.44
C GLY C 123 -22.67 -8.10 5.22
N LYS C 124 -21.67 -7.24 5.30
CA LYS C 124 -21.87 -5.81 5.13
C LYS C 124 -22.15 -5.47 3.67
N GLU C 125 -23.08 -4.54 3.45
CA GLU C 125 -23.39 -4.07 2.11
C GLU C 125 -22.14 -3.59 1.41
N PRO C 126 -21.78 -4.25 0.31
CA PRO C 126 -20.64 -3.80 -0.50
C PRO C 126 -20.96 -2.53 -1.27
N PHE C 127 -19.96 -1.67 -1.41
CA PHE C 127 -20.17 -0.48 -2.19
C PHE C 127 -20.06 -0.79 -3.67
N TYR C 128 -21.17 -0.68 -4.39
CA TYR C 128 -21.11 -0.75 -5.84
C TYR C 128 -21.83 0.46 -6.45
N GLN C 129 -21.22 1.03 -7.49
CA GLN C 129 -21.76 2.21 -8.16
C GLN C 129 -22.39 1.84 -9.51
N PRO C 130 -23.72 1.90 -9.60
CA PRO C 130 -24.43 1.61 -10.85
C PRO C 130 -23.98 2.51 -11.98
N GLN C 131 -23.76 1.95 -13.16
CA GLN C 131 -23.41 2.76 -14.32
C GLN C 131 -24.61 2.92 -15.24
N HIS C 132 -25.43 1.88 -15.34
CA HIS C 132 -26.64 1.93 -16.12
C HIS C 132 -27.42 0.82 -15.45
N ASP C 133 -28.38 0.22 -16.12
CA ASP C 133 -29.51 -0.51 -15.53
C ASP C 133 -29.17 -1.97 -15.19
N GLU C 134 -27.91 -2.23 -14.90
CA GLU C 134 -27.42 -3.55 -14.58
C GLU C 134 -28.07 -4.20 -13.37
N VAL C 135 -28.44 -3.41 -12.40
CA VAL C 135 -28.99 -3.92 -11.14
C VAL C 135 -30.40 -4.46 -11.35
N ALA C 136 -31.23 -3.65 -12.00
CA ALA C 136 -32.59 -4.06 -12.30
C ALA C 136 -32.61 -5.27 -13.22
N LEU C 137 -31.75 -5.27 -14.23
CA LEU C 137 -31.70 -6.36 -15.19
C LEU C 137 -31.20 -7.65 -14.54
N PHE C 138 -30.30 -7.54 -13.56
CA PHE C 138 -29.84 -8.74 -12.87
C PHE C 138 -30.98 -9.29 -12.02
N GLU C 139 -31.68 -8.42 -11.29
CA GLU C 139 -32.86 -8.85 -10.56
C GLU C 139 -33.87 -9.53 -11.50
N ALA C 140 -33.96 -9.03 -12.72
CA ALA C 140 -34.89 -9.56 -13.71
C ALA C 140 -34.46 -10.96 -14.13
N ALA C 141 -33.16 -11.13 -14.38
CA ALA C 141 -32.64 -12.46 -14.72
C ALA C 141 -32.85 -13.44 -13.58
N TYR C 142 -32.59 -13.02 -12.35
CA TYR C 142 -32.76 -13.93 -11.21
C TYR C 142 -34.22 -14.33 -11.03
N ARG C 143 -35.14 -13.39 -11.23
CA ARG C 143 -36.57 -13.71 -11.12
C ARG C 143 -36.94 -14.89 -12.02
N LYS C 144 -36.28 -14.99 -13.16
CA LYS C 144 -36.54 -16.08 -14.10
C LYS C 144 -35.50 -17.18 -14.02
N ARG C 145 -34.59 -17.05 -13.05
CA ARG C 145 -33.52 -18.04 -12.84
C ARG C 145 -32.66 -18.26 -14.07
N LEU C 146 -32.52 -17.22 -14.87
CA LEU C 146 -31.69 -17.26 -16.06
C LEU C 146 -30.22 -17.09 -15.70
N PRO C 147 -29.34 -17.86 -16.37
CA PRO C 147 -27.90 -17.74 -16.13
C PRO C 147 -27.38 -16.37 -16.53
N VAL C 148 -26.41 -15.86 -15.80
CA VAL C 148 -25.89 -14.52 -16.04
C VAL C 148 -24.41 -14.54 -16.36
N MET C 149 -24.03 -13.85 -17.43
CA MET C 149 -22.66 -13.73 -17.87
C MET C 149 -22.18 -12.29 -17.73
N VAL C 150 -21.13 -12.08 -16.95
CA VAL C 150 -20.55 -10.76 -16.80
C VAL C 150 -19.21 -10.65 -17.54
N LYS C 151 -19.18 -9.71 -18.49
CA LYS C 151 -18.04 -9.50 -19.38
C LYS C 151 -17.44 -8.11 -19.20
N GLY C 152 -16.14 -7.99 -19.46
CA GLY C 152 -15.48 -6.70 -19.39
C GLY C 152 -13.98 -6.82 -19.17
N PRO C 153 -13.26 -5.70 -19.28
CA PRO C 153 -11.82 -5.72 -18.99
C PRO C 153 -11.58 -5.98 -17.51
N THR C 154 -10.32 -6.13 -17.13
CA THR C 154 -10.00 -6.40 -15.74
C THR C 154 -10.24 -5.17 -14.86
N GLY C 155 -10.70 -5.41 -13.64
CA GLY C 155 -10.85 -4.35 -12.64
C GLY C 155 -11.86 -3.27 -12.98
N CYS C 156 -13.05 -3.66 -13.40
CA CYS C 156 -14.12 -2.69 -13.68
C CYS C 156 -15.39 -2.99 -12.91
N GLY C 157 -15.26 -3.66 -11.76
CA GLY C 157 -16.37 -3.85 -10.84
C GLY C 157 -17.32 -5.01 -11.10
N LYS C 158 -16.89 -6.00 -11.90
CA LYS C 158 -17.73 -7.14 -12.24
C LYS C 158 -18.05 -8.01 -11.00
N SER C 159 -16.99 -8.42 -10.31
CA SER C 159 -17.14 -9.27 -9.13
C SER C 159 -17.90 -8.55 -8.03
N ARG C 160 -17.66 -7.25 -7.90
CA ARG C 160 -18.32 -6.51 -6.84
C ARG C 160 -19.78 -6.24 -7.19
N PHE C 161 -20.08 -6.12 -8.48
CA PHE C 161 -21.46 -6.06 -8.92
C PHE C 161 -22.17 -7.34 -8.52
N VAL C 162 -21.55 -8.48 -8.83
CA VAL C 162 -22.15 -9.77 -8.49
C VAL C 162 -22.40 -9.89 -6.98
N GLU C 163 -21.41 -9.49 -6.20
CA GLU C 163 -21.51 -9.55 -4.74
C GLU C 163 -22.62 -8.61 -4.22
N PHE C 164 -22.71 -7.41 -4.80
CA PHE C 164 -23.75 -6.47 -4.41
C PHE C 164 -25.12 -7.06 -4.70
N MET C 165 -25.26 -7.71 -5.85
CA MET C 165 -26.53 -8.34 -6.21
C MET C 165 -26.85 -9.47 -5.26
N ALA C 166 -25.84 -10.24 -4.85
CA ALA C 166 -26.06 -11.31 -3.90
C ALA C 166 -26.59 -10.74 -2.58
N TRP C 167 -25.96 -9.66 -2.12
CA TRP C 167 -26.39 -8.98 -0.90
C TRP C 167 -27.82 -8.45 -1.02
N ARG C 168 -28.10 -7.80 -2.15
CA ARG C 168 -29.39 -7.14 -2.40
C ARG C 168 -30.53 -8.13 -2.53
N LEU C 169 -30.23 -9.31 -3.07
CA LEU C 169 -31.24 -10.36 -3.20
C LEU C 169 -31.35 -11.17 -1.91
N GLY C 170 -30.38 -10.98 -1.02
CA GLY C 170 -30.35 -11.72 0.24
C GLY C 170 -29.97 -13.18 0.02
N LYS C 171 -29.05 -13.40 -0.91
CA LYS C 171 -28.63 -14.76 -1.25
C LYS C 171 -27.17 -15.01 -0.89
N PRO C 172 -26.86 -16.24 -0.45
CA PRO C 172 -25.46 -16.62 -0.28
C PRO C 172 -24.75 -16.67 -1.62
N LEU C 173 -23.47 -16.29 -1.63
CA LEU C 173 -22.70 -16.25 -2.86
C LEU C 173 -21.53 -17.22 -2.77
N VAL C 174 -21.63 -18.33 -3.50
CA VAL C 174 -20.53 -19.29 -3.56
C VAL C 174 -19.65 -18.95 -4.74
N THR C 175 -18.57 -18.23 -4.50
CA THR C 175 -17.65 -17.88 -5.57
C THR C 175 -16.56 -18.94 -5.72
N VAL C 176 -16.34 -19.39 -6.95
CA VAL C 176 -15.22 -20.27 -7.20
C VAL C 176 -14.24 -19.58 -8.15
N ALA C 177 -12.97 -19.67 -7.78
CA ALA C 177 -11.88 -19.08 -8.55
C ALA C 177 -11.34 -20.11 -9.53
N CYS C 178 -11.71 -19.96 -10.80
CA CYS C 178 -11.33 -20.95 -11.80
C CYS C 178 -9.86 -20.88 -12.18
N ASN C 179 -9.27 -22.06 -12.35
CA ASN C 179 -7.91 -22.18 -12.85
C ASN C 179 -7.77 -23.53 -13.56
N GLU C 180 -6.76 -23.64 -14.42
CA GLU C 180 -6.61 -24.80 -15.29
C GLU C 180 -6.37 -26.11 -14.52
N ASP C 181 -5.98 -26.00 -13.26
CA ASP C 181 -5.68 -27.18 -12.44
C ASP C 181 -6.90 -27.67 -11.68
N MET C 182 -8.00 -26.96 -11.84
CA MET C 182 -9.25 -27.33 -11.19
C MET C 182 -10.08 -28.21 -12.10
N THR C 183 -10.58 -29.32 -11.57
CA THR C 183 -11.35 -30.27 -12.38
C THR C 183 -12.84 -30.18 -12.06
N ALA C 184 -13.66 -30.82 -12.89
CA ALA C 184 -15.11 -30.85 -12.68
C ALA C 184 -15.46 -31.49 -11.34
N ALA C 185 -14.65 -32.47 -10.93
CA ALA C 185 -14.83 -33.15 -9.67
C ALA C 185 -14.74 -32.17 -8.50
N ASP C 186 -13.83 -31.20 -8.62
CA ASP C 186 -13.62 -30.23 -7.56
C ASP C 186 -14.81 -29.29 -7.40
N LEU C 187 -15.52 -29.03 -8.49
CA LEU C 187 -16.77 -28.30 -8.41
C LEU C 187 -17.85 -29.16 -7.81
N VAL C 188 -17.89 -30.41 -8.26
CA VAL C 188 -18.91 -31.38 -7.90
C VAL C 188 -18.73 -31.95 -6.48
N GLY C 189 -17.48 -32.30 -6.15
CA GLY C 189 -17.18 -32.93 -4.88
C GLY C 189 -16.31 -34.17 -5.05
N ARG C 190 -15.96 -34.82 -3.94
CA ARG C 190 -15.05 -35.97 -4.02
C ARG C 190 -15.28 -37.00 -2.92
N TRP C 191 -14.77 -38.20 -3.14
CA TRP C 191 -14.72 -39.23 -2.11
C TRP C 191 -13.47 -39.05 -1.25
N LEU C 192 -13.69 -38.88 0.05
CA LEU C 192 -12.60 -38.80 1.01
C LEU C 192 -12.41 -40.15 1.69
N LEU C 193 -11.16 -40.56 1.83
CA LEU C 193 -10.82 -41.78 2.55
C LEU C 193 -10.10 -41.48 3.86
N ASP C 194 -10.81 -41.53 4.97
CA ASP C 194 -10.19 -41.48 6.29
C ASP C 194 -10.48 -42.80 7.00
N LYS C 195 -10.01 -42.96 8.20
CA LYS C 195 -10.21 -44.18 8.91
C LYS C 195 -11.54 -44.83 8.57
N ASP C 196 -11.63 -46.10 8.92
CA ASP C 196 -12.83 -46.95 8.80
C ASP C 196 -13.43 -46.99 7.40
N GLY C 197 -13.90 -45.86 6.89
CA GLY C 197 -14.59 -45.87 5.61
C GLY C 197 -14.57 -44.63 4.75
N THR C 198 -15.10 -44.77 3.55
CA THR C 198 -15.19 -43.66 2.59
C THR C 198 -16.31 -42.71 2.98
N ARG C 199 -16.19 -41.45 2.56
CA ARG C 199 -17.19 -40.44 2.87
C ARG C 199 -17.24 -39.38 1.77
N TRP C 200 -18.44 -39.06 1.29
CA TRP C 200 -18.57 -38.08 0.20
C TRP C 200 -18.60 -36.64 0.71
N GLN C 201 -17.81 -35.78 0.08
CA GLN C 201 -17.83 -34.34 0.39
C GLN C 201 -18.24 -33.50 -0.82
N ASP C 202 -19.34 -32.75 -0.67
CA ASP C 202 -19.84 -31.86 -1.71
C ASP C 202 -18.84 -30.78 -2.09
N GLY C 203 -18.82 -30.41 -3.38
CA GLY C 203 -18.05 -29.26 -3.84
C GLY C 203 -18.93 -28.01 -3.80
N PRO C 204 -18.32 -26.84 -4.04
CA PRO C 204 -18.98 -25.53 -3.95
C PRO C 204 -20.21 -25.39 -4.88
N LEU C 205 -20.03 -25.80 -6.13
CA LEU C 205 -21.11 -25.76 -7.10
C LEU C 205 -22.28 -26.61 -6.61
N THR C 206 -21.93 -27.78 -6.08
CA THR C 206 -22.92 -28.74 -5.61
C THR C 206 -23.74 -28.18 -4.45
N VAL C 207 -23.07 -27.57 -3.48
CA VAL C 207 -23.74 -26.93 -2.36
C VAL C 207 -24.69 -25.85 -2.84
N ALA C 208 -24.20 -24.99 -3.74
CA ALA C 208 -25.04 -23.96 -4.32
C ALA C 208 -26.28 -24.54 -5.00
N ALA C 209 -26.09 -25.58 -5.81
CA ALA C 209 -27.19 -26.19 -6.55
C ALA C 209 -28.18 -26.90 -5.64
N ARG C 210 -27.67 -27.44 -4.53
CA ARG C 210 -28.48 -28.16 -3.58
C ARG C 210 -29.40 -27.22 -2.82
N TYR C 211 -28.83 -26.17 -2.26
CA TYR C 211 -29.62 -25.39 -1.29
C TYR C 211 -29.92 -23.96 -1.71
N GLY C 212 -29.85 -23.71 -3.01
CA GLY C 212 -30.37 -22.49 -3.60
C GLY C 212 -29.53 -21.25 -3.39
N ALA C 213 -28.25 -21.36 -3.68
CA ALA C 213 -27.37 -20.20 -3.64
C ALA C 213 -27.08 -19.72 -5.05
N ILE C 214 -26.43 -18.56 -5.12
CA ILE C 214 -25.83 -18.11 -6.37
C ILE C 214 -24.44 -18.67 -6.45
N CYS C 215 -24.12 -19.40 -7.52
CA CYS C 215 -22.74 -19.83 -7.72
C CYS C 215 -22.08 -18.98 -8.80
N TYR C 216 -20.92 -18.43 -8.45
CA TYR C 216 -20.24 -17.50 -9.32
C TYR C 216 -18.90 -18.05 -9.78
N LEU C 217 -18.87 -18.53 -11.02
CA LEU C 217 -17.65 -19.04 -11.63
C LEU C 217 -16.83 -17.87 -12.18
N ASP C 218 -15.88 -17.43 -11.37
CA ASP C 218 -15.07 -16.27 -11.71
C ASP C 218 -13.96 -16.66 -12.69
N GLU C 219 -13.80 -15.86 -13.74
CA GLU C 219 -12.83 -16.14 -14.81
C GLU C 219 -13.00 -17.54 -15.38
N ILE C 220 -14.19 -17.78 -15.92
CA ILE C 220 -14.61 -19.09 -16.40
C ILE C 220 -13.73 -19.64 -17.54
N VAL C 221 -13.14 -18.77 -18.35
CA VAL C 221 -12.31 -19.23 -19.47
C VAL C 221 -10.99 -19.84 -19.02
N GLU C 222 -10.69 -19.69 -17.73
CA GLU C 222 -9.45 -20.19 -17.14
C GLU C 222 -9.59 -21.67 -16.78
N ALA C 223 -10.83 -22.11 -16.61
CA ALA C 223 -11.10 -23.49 -16.23
C ALA C 223 -10.96 -24.45 -17.41
N ARG C 224 -10.81 -25.73 -17.09
CA ARG C 224 -10.68 -26.78 -18.10
C ARG C 224 -11.97 -26.91 -18.90
N GLN C 225 -11.91 -27.53 -20.06
CA GLN C 225 -13.10 -27.73 -20.88
C GLN C 225 -14.03 -28.74 -20.20
N ASP C 226 -13.45 -29.82 -19.69
CA ASP C 226 -14.22 -30.85 -18.98
C ASP C 226 -14.90 -30.27 -17.77
N THR C 227 -14.16 -29.45 -17.04
CA THR C 227 -14.61 -28.86 -15.78
C THR C 227 -15.98 -28.19 -15.88
N THR C 228 -16.26 -27.56 -17.01
CA THR C 228 -17.36 -26.61 -17.07
C THR C 228 -18.49 -27.03 -18.02
N VAL C 229 -18.40 -28.24 -18.55
CA VAL C 229 -19.49 -28.77 -19.35
C VAL C 229 -20.71 -29.04 -18.48
N VAL C 230 -20.48 -29.21 -17.18
CA VAL C 230 -21.51 -29.25 -16.12
C VAL C 230 -22.51 -28.08 -16.18
N ILE C 231 -22.15 -27.05 -16.93
CA ILE C 231 -23.02 -25.91 -17.20
C ILE C 231 -24.23 -26.30 -18.05
N HIS C 232 -24.04 -27.25 -18.96
CA HIS C 232 -25.13 -27.70 -19.83
C HIS C 232 -26.33 -28.23 -19.04
N PRO C 233 -26.12 -29.19 -18.12
CA PRO C 233 -27.31 -29.69 -17.43
C PRO C 233 -27.96 -28.64 -16.54
N LEU C 234 -27.17 -27.70 -16.03
CA LEU C 234 -27.68 -26.70 -15.12
C LEU C 234 -28.41 -25.58 -15.85
N THR C 235 -28.38 -25.60 -17.18
CA THR C 235 -29.05 -24.58 -17.97
C THR C 235 -30.13 -25.18 -18.86
N ASP C 236 -30.37 -26.47 -18.67
CA ASP C 236 -31.49 -27.15 -19.32
C ASP C 236 -32.78 -26.75 -18.60
N HIS C 237 -33.93 -26.92 -19.24
CA HIS C 237 -35.18 -26.47 -18.61
C HIS C 237 -35.52 -27.31 -17.39
N ARG C 238 -35.02 -28.54 -17.35
CA ARG C 238 -35.07 -29.34 -16.15
C ARG C 238 -33.69 -29.32 -15.53
N ARG C 239 -33.42 -28.32 -14.69
CA ARG C 239 -32.08 -28.10 -14.17
C ARG C 239 -31.57 -29.24 -13.31
N THR C 240 -30.47 -29.85 -13.72
CA THR C 240 -29.87 -30.94 -12.97
C THR C 240 -28.37 -30.80 -12.84
N LEU C 241 -27.81 -31.52 -11.88
CA LEU C 241 -26.38 -31.53 -11.63
C LEU C 241 -25.93 -32.96 -11.43
N PRO C 242 -25.17 -33.50 -12.40
CA PRO C 242 -24.64 -34.87 -12.34
C PRO C 242 -23.43 -35.01 -11.41
N LEU C 243 -23.54 -35.86 -10.40
CA LEU C 243 -22.38 -36.27 -9.61
C LEU C 243 -22.10 -37.72 -9.97
N ASP C 244 -21.40 -37.94 -11.07
CA ASP C 244 -21.31 -39.29 -11.61
C ASP C 244 -20.34 -40.19 -10.82
N LYS C 245 -19.37 -39.58 -10.12
CA LYS C 245 -18.50 -40.38 -9.27
C LYS C 245 -19.18 -40.74 -7.95
N LYS C 246 -20.30 -40.08 -7.66
CA LYS C 246 -21.12 -40.43 -6.50
C LYS C 246 -22.32 -41.30 -6.89
N GLY C 247 -22.69 -41.24 -8.16
CA GLY C 247 -23.86 -41.93 -8.65
C GLY C 247 -25.13 -41.19 -8.29
N GLU C 248 -25.04 -39.87 -8.18
CA GLU C 248 -26.22 -39.10 -7.80
C GLU C 248 -26.60 -38.08 -8.86
N LEU C 249 -27.88 -38.03 -9.21
CA LEU C 249 -28.37 -36.97 -10.10
C LEU C 249 -29.16 -35.94 -9.28
N ILE C 250 -28.59 -34.76 -9.10
CA ILE C 250 -29.20 -33.70 -8.30
C ILE C 250 -30.22 -32.87 -9.08
N ARG C 251 -31.41 -32.69 -8.52
CA ARG C 251 -32.36 -31.75 -9.11
C ARG C 251 -32.12 -30.37 -8.50
N ALA C 252 -31.61 -29.45 -9.31
CA ALA C 252 -31.21 -28.13 -8.83
C ALA C 252 -32.33 -27.41 -8.08
N HIS C 253 -32.00 -26.88 -6.91
CA HIS C 253 -32.89 -26.08 -6.10
C HIS C 253 -33.51 -24.95 -6.92
N PRO C 254 -34.81 -24.69 -6.73
CA PRO C 254 -35.56 -23.68 -7.50
C PRO C 254 -34.96 -22.28 -7.43
N ASP C 255 -34.17 -21.99 -6.40
CA ASP C 255 -33.61 -20.65 -6.22
C ASP C 255 -32.12 -20.62 -6.57
N PHE C 256 -31.59 -21.73 -7.08
CA PHE C 256 -30.22 -21.76 -7.56
C PHE C 256 -30.04 -20.83 -8.75
N GLN C 257 -28.90 -20.16 -8.80
CA GLN C 257 -28.59 -19.19 -9.85
C GLN C 257 -27.14 -19.34 -10.30
N LEU C 258 -26.92 -19.41 -11.60
CA LEU C 258 -25.56 -19.55 -12.12
C LEU C 258 -25.06 -18.23 -12.72
N VAL C 259 -23.90 -17.78 -12.24
CA VAL C 259 -23.25 -16.59 -12.78
C VAL C 259 -21.83 -16.93 -13.20
N ILE C 260 -21.42 -16.49 -14.37
CA ILE C 260 -20.03 -16.66 -14.78
C ILE C 260 -19.43 -15.29 -15.13
N SER C 261 -18.11 -15.23 -15.09
CA SER C 261 -17.42 -13.99 -15.43
C SER C 261 -16.23 -14.24 -16.31
N TYR C 262 -15.95 -13.35 -17.27
CA TYR C 262 -14.71 -13.49 -18.03
C TYR C 262 -14.30 -12.23 -18.80
N ASN C 263 -13.01 -12.13 -19.10
CA ASN C 263 -12.46 -11.00 -19.85
C ASN C 263 -12.31 -11.32 -21.33
N PRO C 264 -13.21 -10.80 -22.17
CA PRO C 264 -13.09 -11.08 -23.62
C PRO C 264 -11.82 -10.50 -24.22
N GLY C 265 -11.15 -11.29 -25.05
CA GLY C 265 -9.92 -10.85 -25.71
C GLY C 265 -8.64 -11.10 -24.93
N TYR C 266 -8.77 -11.57 -23.69
CA TYR C 266 -7.60 -11.84 -22.85
C TYR C 266 -7.06 -13.25 -23.11
N GLN C 267 -7.70 -13.95 -24.04
CA GLN C 267 -7.33 -15.32 -24.36
C GLN C 267 -7.28 -15.50 -25.87
N SER C 268 -6.67 -16.59 -26.32
CA SER C 268 -6.73 -16.95 -27.73
C SER C 268 -8.16 -17.36 -28.08
N LEU C 269 -8.45 -17.42 -29.38
CA LEU C 269 -9.80 -17.79 -29.81
C LEU C 269 -10.13 -19.24 -29.48
N MET C 270 -9.12 -20.06 -29.24
CA MET C 270 -9.33 -21.46 -28.88
C MET C 270 -9.76 -21.57 -27.43
N LYS C 271 -9.25 -20.67 -26.60
CA LYS C 271 -9.58 -20.66 -25.18
C LYS C 271 -10.82 -19.82 -24.87
N ASP C 272 -11.30 -19.08 -25.88
CA ASP C 272 -12.50 -18.28 -25.74
C ASP C 272 -13.71 -19.19 -25.50
N LEU C 273 -14.75 -18.65 -24.86
CA LEU C 273 -15.99 -19.38 -24.67
C LEU C 273 -16.56 -19.86 -25.99
N LYS C 274 -17.02 -21.11 -26.00
CA LYS C 274 -17.67 -21.67 -27.19
C LYS C 274 -19.04 -21.02 -27.37
N GLN C 275 -19.54 -21.01 -28.61
CA GLN C 275 -20.86 -20.46 -28.89
C GLN C 275 -21.92 -21.18 -28.08
N SER C 276 -21.75 -22.49 -27.88
CA SER C 276 -22.76 -23.29 -27.18
C SER C 276 -22.84 -22.92 -25.70
N THR C 277 -21.76 -22.35 -25.17
CA THR C 277 -21.78 -21.89 -23.79
C THR C 277 -22.32 -20.47 -23.72
N LYS C 278 -21.79 -19.60 -24.57
CA LYS C 278 -22.24 -18.22 -24.67
C LYS C 278 -23.75 -18.13 -24.82
N GLN C 279 -24.31 -18.96 -25.69
CA GLN C 279 -25.73 -18.87 -26.01
C GLN C 279 -26.60 -19.63 -25.02
N ARG C 280 -26.06 -19.84 -23.81
CA ARG C 280 -26.81 -20.38 -22.69
C ARG C 280 -26.91 -19.35 -21.56
N PHE C 281 -26.38 -18.15 -21.81
CA PHE C 281 -26.33 -17.12 -20.79
C PHE C 281 -26.95 -15.80 -21.25
N THR C 282 -27.55 -15.07 -20.33
CA THR C 282 -27.85 -13.65 -20.56
C THR C 282 -26.55 -12.90 -20.33
N GLY C 283 -26.44 -11.66 -20.82
CA GLY C 283 -25.15 -10.98 -20.75
C GLY C 283 -25.13 -9.53 -20.31
N PHE C 284 -24.08 -9.16 -19.57
CA PHE C 284 -23.78 -7.78 -19.23
C PHE C 284 -22.39 -7.44 -19.71
N GLU C 285 -22.26 -6.34 -20.45
CA GLU C 285 -20.94 -5.88 -20.84
C GLU C 285 -20.55 -4.67 -20.00
N PHE C 286 -19.56 -4.87 -19.14
CA PHE C 286 -19.02 -3.81 -18.30
C PHE C 286 -17.85 -3.12 -18.99
N ASP C 287 -17.66 -1.85 -18.70
CA ASP C 287 -16.49 -1.11 -19.18
C ASP C 287 -16.06 -0.16 -18.08
N TYR C 288 -14.88 0.44 -18.22
CA TYR C 288 -14.48 1.47 -17.27
C TYR C 288 -15.45 2.65 -17.42
N PRO C 289 -15.91 3.18 -16.28
CA PRO C 289 -16.94 4.23 -16.24
C PRO C 289 -16.49 5.55 -16.88
N ASN C 290 -17.43 6.48 -17.07
CA ASN C 290 -17.06 7.81 -17.53
C ASN C 290 -16.26 8.52 -16.45
N ALA C 291 -15.56 9.58 -16.84
CA ALA C 291 -14.60 10.26 -15.98
C ALA C 291 -15.15 10.66 -14.61
N GLU C 292 -16.31 11.31 -14.60
CA GLU C 292 -16.86 11.85 -13.36
C GLU C 292 -17.24 10.73 -12.40
N LEU C 293 -17.93 9.74 -12.94
CA LEU C 293 -18.37 8.60 -12.15
C LEU C 293 -17.17 7.82 -11.59
N GLU C 294 -16.14 7.64 -12.41
CA GLU C 294 -14.95 6.93 -11.97
C GLU C 294 -14.22 7.67 -10.87
N ALA C 295 -14.06 8.99 -11.05
CA ALA C 295 -13.44 9.81 -10.02
C ALA C 295 -14.22 9.67 -8.71
N GLY C 296 -15.55 9.70 -8.82
CA GLY C 296 -16.41 9.56 -7.65
C GLY C 296 -16.23 8.24 -6.95
N ILE C 297 -16.04 7.18 -7.74
CA ILE C 297 -15.80 5.84 -7.21
C ILE C 297 -14.49 5.79 -6.44
N LEU C 298 -13.47 6.42 -7.00
CA LEU C 298 -12.19 6.56 -6.32
C LEU C 298 -12.35 7.26 -4.97
N VAL C 299 -13.05 8.39 -4.99
CA VAL C 299 -13.32 9.17 -3.78
C VAL C 299 -14.01 8.32 -2.72
N GLN C 300 -15.06 7.61 -3.11
CA GLN C 300 -15.80 6.80 -2.15
C GLN C 300 -14.94 5.68 -1.58
N GLU C 301 -14.20 5.01 -2.45
CA GLU C 301 -13.42 3.85 -2.02
C GLU C 301 -12.20 4.21 -1.16
N THR C 302 -11.54 5.33 -1.43
CA THR C 302 -10.26 5.61 -0.76
C THR C 302 -10.22 6.87 0.13
N GLY C 303 -11.14 7.80 -0.08
CA GLY C 303 -11.14 9.03 0.68
C GLY C 303 -10.29 10.14 0.05
N VAL C 304 -9.83 9.90 -1.17
CA VAL C 304 -9.00 10.86 -1.89
C VAL C 304 -9.81 12.08 -2.30
N ALA C 305 -9.15 13.23 -2.42
CA ALA C 305 -9.82 14.46 -2.83
C ALA C 305 -10.28 14.38 -4.29
N PRO C 306 -11.51 14.84 -4.56
CA PRO C 306 -12.14 14.80 -5.89
C PRO C 306 -11.26 15.30 -7.04
N SER C 307 -10.53 16.41 -6.83
CA SER C 307 -9.67 16.95 -7.88
C SER C 307 -8.54 15.98 -8.22
N ILE C 308 -7.93 15.41 -7.18
CA ILE C 308 -6.88 14.42 -7.36
C ILE C 308 -7.42 13.16 -8.04
N ALA C 309 -8.65 12.80 -7.69
CA ALA C 309 -9.32 11.67 -8.30
C ALA C 309 -9.48 11.89 -9.79
N ALA C 310 -9.95 13.08 -10.15
CA ALA C 310 -10.13 13.45 -11.55
C ALA C 310 -8.81 13.41 -12.30
N GLN C 311 -7.74 13.89 -11.67
CA GLN C 311 -6.39 13.86 -12.26
C GLN C 311 -5.94 12.42 -12.55
N LEU C 312 -6.11 11.55 -11.54
CA LEU C 312 -5.84 10.13 -11.70
C LEU C 312 -6.57 9.57 -12.90
N VAL C 313 -7.86 9.91 -12.99
CA VAL C 313 -8.69 9.47 -14.11
C VAL C 313 -8.14 9.97 -15.45
N THR C 314 -7.60 11.19 -15.52
CA THR C 314 -7.03 11.67 -16.78
C THR C 314 -5.78 10.87 -17.15
N VAL C 315 -4.99 10.48 -16.15
CA VAL C 315 -3.84 9.61 -16.43
C VAL C 315 -4.32 8.28 -17.03
N ALA C 316 -5.30 7.67 -16.37
CA ALA C 316 -5.87 6.41 -16.87
C ALA C 316 -6.43 6.56 -18.27
N ALA C 317 -7.07 7.69 -18.56
CA ALA C 317 -7.63 7.93 -19.89
C ALA C 317 -6.52 7.98 -20.94
N THR C 318 -5.42 8.64 -20.57
CA THR C 318 -4.23 8.64 -21.42
C THR C 318 -3.80 7.21 -21.73
N ALA C 319 -3.74 6.37 -20.70
CA ALA C 319 -3.35 4.97 -20.92
C ALA C 319 -4.36 4.19 -21.77
N ARG C 320 -5.63 4.46 -21.59
CA ARG C 320 -6.64 3.75 -22.34
C ARG C 320 -6.60 4.17 -23.80
N ARG C 321 -6.16 5.37 -24.08
CA ARG C 321 -6.01 5.81 -25.46
C ARG C 321 -4.80 5.13 -26.13
N LEU C 322 -3.86 4.66 -25.32
CA LEU C 322 -2.69 3.97 -25.83
C LEU C 322 -3.00 2.49 -26.13
N LYS C 323 -4.19 2.03 -25.75
CA LYS C 323 -4.59 0.66 -26.03
C LYS C 323 -4.59 0.39 -27.51
N GLY C 324 -3.80 -0.60 -27.94
CA GLY C 324 -3.68 -0.93 -29.35
C GLY C 324 -2.51 -0.20 -30.00
N HIS C 325 -1.87 0.68 -29.24
CA HIS C 325 -0.73 1.45 -29.74
C HIS C 325 0.48 1.29 -28.83
N GLY C 326 0.59 0.13 -28.19
CA GLY C 326 1.68 -0.12 -27.26
C GLY C 326 1.22 -0.72 -25.95
N LEU C 327 -0.08 -0.67 -25.68
CA LEU C 327 -0.67 -1.33 -24.52
C LEU C 327 -1.71 -2.34 -24.97
N ASP C 328 -1.74 -3.49 -24.30
CA ASP C 328 -2.76 -4.50 -24.57
C ASP C 328 -4.06 -4.14 -23.87
N GLU C 329 -3.92 -3.38 -22.78
CA GLU C 329 -5.07 -2.94 -21.99
C GLU C 329 -4.72 -1.67 -21.22
N GLY C 330 -5.66 -0.72 -21.19
CA GLY C 330 -5.45 0.50 -20.44
C GLY C 330 -5.39 0.27 -18.95
N ILE C 331 -5.17 1.36 -18.20
CA ILE C 331 -5.12 1.29 -16.75
C ILE C 331 -6.53 1.00 -16.19
N SER C 332 -6.64 0.00 -15.32
CA SER C 332 -7.93 -0.35 -14.75
C SER C 332 -8.32 0.58 -13.60
N THR C 333 -9.59 0.54 -13.25
CA THR C 333 -10.07 1.28 -12.09
C THR C 333 -9.39 0.74 -10.83
N ARG C 334 -9.14 -0.56 -10.79
CA ARG C 334 -8.49 -1.18 -9.64
C ARG C 334 -7.11 -0.56 -9.36
N LEU C 335 -6.35 -0.30 -10.42
CA LEU C 335 -5.05 0.33 -10.26
C LEU C 335 -5.17 1.78 -9.79
N LEU C 336 -6.17 2.49 -10.31
CA LEU C 336 -6.45 3.85 -9.85
C LEU C 336 -6.75 3.84 -8.36
N VAL C 337 -7.48 2.81 -7.92
CA VAL C 337 -7.78 2.66 -6.51
C VAL C 337 -6.48 2.46 -5.73
N TYR C 338 -5.61 1.60 -6.25
CA TYR C 338 -4.29 1.39 -5.66
C TYR C 338 -3.53 2.70 -5.48
N ALA C 339 -3.45 3.49 -6.56
CA ALA C 339 -2.77 4.78 -6.55
C ALA C 339 -3.35 5.70 -5.49
N ALA C 340 -4.67 5.82 -5.45
CA ALA C 340 -5.34 6.65 -4.44
C ALA C 340 -5.07 6.15 -3.02
N MET C 341 -4.96 4.84 -2.84
CA MET C 341 -4.65 4.26 -1.53
C MET C 341 -3.22 4.61 -1.09
N LEU C 342 -2.27 4.48 -2.00
CA LEU C 342 -0.89 4.85 -1.71
C LEU C 342 -0.79 6.34 -1.37
N MET C 343 -1.48 7.18 -2.14
CA MET C 343 -1.49 8.61 -1.85
C MET C 343 -2.08 8.88 -0.47
N ASP C 344 -3.14 8.14 -0.14
CA ASP C 344 -3.75 8.25 1.18
C ASP C 344 -2.75 7.90 2.28
N ASP C 345 -1.88 6.92 2.04
CA ASP C 345 -0.86 6.61 3.04
C ASP C 345 0.19 7.71 3.13
N GLY C 346 0.30 8.53 2.10
CA GLY C 346 1.20 9.68 2.16
C GLY C 346 2.21 9.76 1.04
N VAL C 347 2.22 8.74 0.19
CA VAL C 347 3.14 8.71 -0.94
C VAL C 347 2.81 9.81 -1.95
N ALA C 348 3.83 10.58 -2.32
CA ALA C 348 3.70 11.64 -3.32
C ALA C 348 3.06 11.12 -4.60
N PRO C 349 2.22 11.94 -5.25
CA PRO C 349 1.46 11.59 -6.45
C PRO C 349 2.29 10.95 -7.58
N ARG C 350 3.49 11.46 -7.83
CA ARG C 350 4.30 10.97 -8.94
C ARG C 350 4.85 9.56 -8.67
N ALA C 351 5.31 9.34 -7.44
CA ALA C 351 5.79 8.02 -7.04
C ALA C 351 4.63 7.01 -6.99
N ALA C 352 3.49 7.44 -6.46
CA ALA C 352 2.33 6.56 -6.35
C ALA C 352 1.81 6.17 -7.72
N CYS C 353 1.80 7.13 -8.64
CA CYS C 353 1.37 6.88 -10.01
C CYS C 353 2.33 5.98 -10.79
N ARG C 354 3.63 6.21 -10.63
CA ARG C 354 4.60 5.30 -11.23
C ARG C 354 4.40 3.88 -10.68
N MET C 355 4.22 3.80 -9.37
CA MET C 355 4.15 2.52 -8.67
C MET C 355 2.89 1.71 -8.98
N ALA C 356 1.75 2.38 -9.13
CA ALA C 356 0.48 1.69 -9.29
C ALA C 356 -0.05 1.68 -10.72
N LEU C 357 0.32 2.67 -11.52
CA LEU C 357 -0.27 2.87 -12.84
C LEU C 357 0.66 2.56 -14.01
N VAL C 358 1.97 2.62 -13.79
CA VAL C 358 2.93 2.42 -14.88
C VAL C 358 3.64 1.07 -14.81
N GLN C 359 4.37 0.83 -13.73
CA GLN C 359 5.13 -0.40 -13.55
C GLN C 359 4.32 -1.71 -13.66
N PRO C 360 3.06 -1.73 -13.20
CA PRO C 360 2.33 -3.00 -13.34
C PRO C 360 1.91 -3.37 -14.76
N ILE C 361 1.64 -2.38 -15.60
CA ILE C 361 1.02 -2.65 -16.90
C ILE C 361 1.98 -2.75 -18.09
N THR C 362 3.23 -2.34 -17.92
CA THR C 362 4.14 -2.33 -19.07
C THR C 362 5.62 -2.55 -18.74
N ASP C 363 6.32 -3.17 -19.69
CA ASP C 363 7.77 -3.35 -19.62
C ASP C 363 8.43 -2.57 -20.76
N ASP C 364 7.60 -1.91 -21.55
CA ASP C 364 8.08 -1.06 -22.64
C ASP C 364 8.59 0.26 -22.08
N ALA C 365 9.88 0.52 -22.24
CA ALA C 365 10.50 1.72 -21.69
C ALA C 365 9.94 3.01 -22.30
N ASP C 366 9.50 2.94 -23.56
CA ASP C 366 8.97 4.12 -24.21
C ASP C 366 7.53 4.41 -23.78
N ILE C 367 6.75 3.34 -23.59
CA ILE C 367 5.40 3.50 -23.06
C ILE C 367 5.49 3.99 -21.62
N ARG C 368 6.46 3.44 -20.89
CA ARG C 368 6.74 3.87 -19.52
C ARG C 368 7.08 5.36 -19.49
N ALA C 369 7.96 5.79 -20.39
CA ALA C 369 8.35 7.20 -20.47
C ALA C 369 7.16 8.09 -20.82
N THR C 370 6.29 7.60 -21.70
CA THR C 370 5.08 8.33 -22.09
C THR C 370 4.13 8.54 -20.91
N LEU C 371 3.83 7.45 -20.21
CA LEU C 371 2.91 7.52 -19.07
C LEU C 371 3.48 8.36 -17.95
N GLU C 372 4.79 8.20 -17.70
CA GLU C 372 5.46 8.97 -16.67
C GLU C 372 5.43 10.45 -17.02
N HIS C 373 5.55 10.76 -18.31
CA HIS C 373 5.50 12.15 -18.73
C HIS C 373 4.10 12.74 -18.53
N ALA C 374 3.07 11.97 -18.88
CA ALA C 374 1.69 12.43 -18.65
C ALA C 374 1.44 12.68 -17.15
N ILE C 375 1.93 11.75 -16.34
CA ILE C 375 1.85 11.86 -14.89
C ILE C 375 2.53 13.13 -14.39
N ASP C 376 3.73 13.41 -14.89
CA ASP C 376 4.48 14.58 -14.45
C ASP C 376 3.88 15.88 -14.98
N MET C 377 3.11 15.79 -16.06
CA MET C 377 2.39 16.95 -16.57
C MET C 377 1.15 17.20 -15.73
N THR C 378 0.65 16.14 -15.10
CA THR C 378 -0.59 16.22 -14.33
C THR C 378 -0.36 16.65 -12.87
N PHE C 379 0.59 16.00 -12.20
CA PHE C 379 0.90 16.28 -10.80
C PHE C 379 2.24 17.02 -10.70
N ALA C 380 2.39 17.82 -9.65
CA ALA C 380 3.62 18.60 -9.46
C ALA C 380 4.75 17.76 -8.90
#